data_9D3T
#
_entry.id   9D3T
#
_cell.length_a   1.00
_cell.length_b   1.00
_cell.length_c   1.00
_cell.angle_alpha   90.00
_cell.angle_beta   90.00
_cell.angle_gamma   90.00
#
_symmetry.space_group_name_H-M   'P 1'
#
loop_
_entity.id
_entity.type
_entity.pdbx_description
1 polymer 'Histone H3.2'
2 polymer 'Histone H4'
3 polymer 'Histone H2A type 2-A'
4 polymer 'Histone H2B type 1-M'
5 polymer '5S rDNA (noncoding strand)'
6 polymer '5S rDNA (coding strand)'
#
loop_
_entity_poly.entity_id
_entity_poly.type
_entity_poly.pdbx_seq_one_letter_code
_entity_poly.pdbx_strand_id
1 'polypeptide(L)'
;PGTVALREIRRYQKSTELLIRKLPFQRLVREIAQDFKTDLRFQSSAVMALQEASEAYLVGLFEDTNLCAIHAKRVTIMPK
DIQLARRIRGERA
;
A,E
2 'polypeptide(L)' DNIQGITKPAIRRLARRGGVKRISGLIYEETRGVLKVFLENVIRDAVTYTEHAKRKTVTAMDVVYALKRQGRTLYGFG B,F
3 'polypeptide(L)'
;KSRSSRAGLQFPVGRVHRLLRKGNYAERVGAGAPVYMAAVLEYLTAEILELAGNAARDNKKTRIIPRHLQLAIRNDEELN
KLLGKVTIAQGGVLPNIQAVLLP
;
C,G
4 'polypeptide(L)'
;ESYSVYVYKVLKQVHPDTGISSKAMGIMNSFVNDIFERIAGEASRLAHYNKRSTITSREIQTAVRLLLPGELAKHAVSEG
TKAVTKYTS
;
D,H
5 'polydeoxyribonucleotide'
;(DG)(DA)(DA)(DA)(DA)(DG)(DA)(DC)(DC)(DC)(DT)(DG)(DG)(DC)(DA)(DT)(DG)(DG)(DG)(DG)
(DA)(DG)(DG)(DA)(DG)(DC)(DT)(DG)(DG)(DG)(DC)(DC)(DC)(DC)(DC)(DC)(DC)(DC)(DA)(DG)
(DA)(DA)(DG)(DG)(DC)(DA)(DG)(DC)(DA)(DC)(DA)(DA)(DG)(DG)(DG)(DG)(DA)(DG)(DG)(DA)
(DA)(DA)(DA)(DG)(DT)(DC)(DA)(DG)(DC)(DC)(DT)(DT)(DG)(DT)(DG)(DC)(DT)(DC)(DG)(DC)
(DC)(DT)(DA)(DC)(DG)(DG)(DC)(DC)(DA)(DT)(DA)(DC)(DC)(DA)(DC)(DC)(DC)(DT)(DG)(DA)
;
I
6 'polydeoxyribonucleotide'
;(DT)(DC)(DA)(DG)(DG)(DG)(DT)(DG)(DG)(DT)(DA)(DT)(DG)(DG)(DC)(DC)(DG)(DT)(DA)(DG)
(DG)(DC)(DG)(DA)(DG)(DC)(DA)(DC)(DA)(DA)(DG)(DG)(DC)(DT)(DG)(DA)(DC)(DT)(DT)(DT)
(DT)(DC)(DC)(DT)(DC)(DC)(DC)(DC)(DT)(DT)(DG)(DT)(DG)(DC)(DT)(DG)(DC)(DC)(DT)(DT)
(DC)(DT)(DG)(DG)(DG)(DG)(DG)(DG)(DG)(DG)(DC)(DC)(DC)(DA)(DG)(DC)(DT)(DC)(DC)(DT)
(DC)(DC)(DC)(DC)(DA)(DT)(DG)(DC)(DC)(DA)(DG)(DG)(DG)(DT)(DC)(DT)(DT)(DT)(DT)(DC)
;
J
#
loop_
_chem_comp.id
_chem_comp.type
_chem_comp.name
_chem_comp.formula
DA DNA linking 2'-DEOXYADENOSINE-5'-MONOPHOSPHATE 'C10 H14 N5 O6 P'
DC DNA linking 2'-DEOXYCYTIDINE-5'-MONOPHOSPHATE 'C9 H14 N3 O7 P'
DG DNA linking 2'-DEOXYGUANOSINE-5'-MONOPHOSPHATE 'C10 H14 N5 O7 P'
DT DNA linking THYMIDINE-5'-MONOPHOSPHATE 'C10 H15 N2 O8 P'
#
# COMPACT_ATOMS: atom_id res chain seq x y z
N PRO A 1 27.03 -13.58 30.24
CA PRO A 1 26.73 -13.76 28.83
C PRO A 1 25.35 -13.24 28.44
N GLY A 2 25.29 -11.97 28.03
CA GLY A 2 24.04 -11.31 27.74
C GLY A 2 23.98 -9.87 28.22
N THR A 3 24.69 -9.55 29.30
CA THR A 3 24.83 -8.15 29.68
C THR A 3 25.66 -7.37 28.68
N VAL A 4 26.72 -7.98 28.14
CA VAL A 4 27.47 -7.40 27.04
C VAL A 4 26.61 -7.26 25.79
N ALA A 5 25.59 -8.11 25.65
CA ALA A 5 24.63 -7.97 24.57
C ALA A 5 23.62 -6.86 24.79
N LEU A 6 23.18 -6.63 26.03
CA LEU A 6 22.35 -5.47 26.33
C LEU A 6 23.08 -4.15 26.13
N ARG A 7 24.35 -4.06 26.56
CA ARG A 7 25.11 -2.85 26.29
C ARG A 7 25.34 -2.68 24.78
N GLU A 8 25.52 -3.77 24.05
CA GLU A 8 25.62 -3.71 22.59
C GLU A 8 24.32 -3.19 21.98
N ILE A 9 23.19 -3.68 22.48
CA ILE A 9 21.88 -3.22 22.01
C ILE A 9 21.78 -1.72 22.20
N ARG A 10 22.15 -1.24 23.38
CA ARG A 10 22.09 0.20 23.64
C ARG A 10 23.00 0.97 22.70
N ARG A 11 24.23 0.49 22.50
CA ARG A 11 25.18 1.19 21.64
C ARG A 11 24.68 1.29 20.20
N TYR A 12 24.16 0.18 19.66
CA TYR A 12 23.76 0.23 18.27
C TYR A 12 22.33 0.71 18.07
N GLN A 13 21.59 0.96 19.15
CA GLN A 13 20.31 1.63 19.05
C GLN A 13 20.43 3.13 19.20
N LYS A 14 21.44 3.61 19.93
CA LYS A 14 21.67 5.05 20.03
C LYS A 14 22.42 5.62 18.83
N SER A 15 22.92 4.77 17.93
CA SER A 15 23.75 5.21 16.83
C SER A 15 23.01 5.12 15.49
N THR A 16 23.38 6.01 14.57
CA THR A 16 22.71 6.12 13.27
C THR A 16 23.60 5.79 12.10
N GLU A 17 24.81 5.28 12.32
CA GLU A 17 25.69 4.95 11.21
C GLU A 17 25.16 3.76 10.44
N LEU A 18 25.81 3.45 9.32
CA LEU A 18 25.48 2.29 8.51
C LEU A 18 26.27 1.10 9.03
N LEU A 19 25.57 0.04 9.41
CA LEU A 19 26.17 -1.10 10.10
C LEU A 19 26.78 -2.12 9.15
N ILE A 20 26.51 -2.03 7.86
CA ILE A 20 27.14 -2.88 6.85
C ILE A 20 28.27 -2.10 6.22
N ARG A 21 29.39 -2.77 5.96
CA ARG A 21 30.53 -2.10 5.36
C ARG A 21 30.19 -1.66 3.93
N LYS A 22 30.53 -0.41 3.63
CA LYS A 22 30.07 0.23 2.40
C LYS A 22 30.63 -0.44 1.16
N LEU A 23 31.92 -0.82 1.16
CA LEU A 23 32.46 -1.46 -0.02
C LEU A 23 31.84 -2.83 -0.28
N PRO A 24 31.74 -3.76 0.68
CA PRO A 24 31.04 -5.01 0.40
C PRO A 24 29.59 -4.80 -0.02
N PHE A 25 28.91 -3.82 0.57
CA PHE A 25 27.55 -3.56 0.11
C PHE A 25 27.55 -3.13 -1.35
N GLN A 26 28.49 -2.26 -1.74
CA GLN A 26 28.54 -1.79 -3.12
C GLN A 26 28.80 -2.95 -4.08
N ARG A 27 29.76 -3.82 -3.74
CA ARG A 27 30.02 -4.94 -4.62
C ARG A 27 28.82 -5.86 -4.73
N LEU A 28 28.09 -6.08 -3.64
CA LEU A 28 26.87 -6.88 -3.71
C LEU A 28 25.84 -6.22 -4.62
N VAL A 29 25.68 -4.91 -4.50
CA VAL A 29 24.69 -4.19 -5.31
C VAL A 29 25.05 -4.29 -6.79
N ARG A 30 26.32 -4.10 -7.11
CA ARG A 30 26.76 -4.16 -8.50
C ARG A 30 26.75 -5.58 -9.05
N GLU A 31 26.88 -6.59 -8.21
CA GLU A 31 26.66 -7.98 -8.59
C GLU A 31 25.19 -8.28 -8.85
N ILE A 32 24.29 -7.70 -8.07
CA ILE A 32 22.86 -7.90 -8.28
C ILE A 32 22.38 -7.20 -9.55
N ALA A 33 22.85 -5.97 -9.81
CA ALA A 33 22.40 -5.23 -10.97
C ALA A 33 22.97 -5.78 -12.27
N GLN A 34 24.04 -6.57 -12.19
CA GLN A 34 24.63 -7.16 -13.39
C GLN A 34 23.68 -8.14 -14.06
N ASP A 35 22.85 -8.80 -13.27
CA ASP A 35 21.85 -9.71 -13.84
C ASP A 35 20.85 -8.96 -14.69
N PHE A 36 20.49 -7.74 -14.28
CA PHE A 36 19.50 -6.96 -15.00
C PHE A 36 20.12 -6.30 -16.23
N LYS A 37 21.14 -5.46 -16.03
CA LYS A 37 21.78 -4.76 -17.13
C LYS A 37 23.25 -4.60 -16.86
N THR A 38 24.08 -5.18 -17.73
CA THR A 38 25.52 -5.07 -17.63
C THR A 38 25.97 -3.67 -18.02
N ASP A 39 27.20 -3.33 -17.61
CA ASP A 39 27.78 -2.02 -17.87
C ASP A 39 26.87 -0.91 -17.36
N LEU A 40 26.29 -1.12 -16.18
CA LEU A 40 25.37 -0.17 -15.57
C LEU A 40 26.13 0.61 -14.51
N ARG A 41 26.22 1.92 -14.69
CA ARG A 41 26.91 2.75 -13.71
C ARG A 41 25.98 3.04 -12.54
N PHE A 42 26.55 3.58 -11.47
CA PHE A 42 25.82 3.90 -10.27
C PHE A 42 26.31 5.25 -9.76
N GLN A 43 25.45 5.97 -9.07
CA GLN A 43 25.84 7.20 -8.39
C GLN A 43 26.46 6.83 -7.04
N SER A 44 26.93 7.77 -6.23
CA SER A 44 27.32 7.44 -4.86
C SER A 44 26.07 7.50 -4.01
N SER A 45 25.25 8.52 -4.28
CA SER A 45 23.98 8.70 -3.59
C SER A 45 22.98 7.58 -3.87
N ALA A 46 23.00 6.99 -5.07
CA ALA A 46 22.11 5.87 -5.35
C ALA A 46 22.44 4.66 -4.49
N VAL A 47 23.72 4.29 -4.43
CA VAL A 47 24.14 3.20 -3.56
C VAL A 47 23.89 3.51 -2.10
N MET A 48 24.15 4.74 -1.68
CA MET A 48 23.84 5.09 -0.30
C MET A 48 22.36 5.02 0.00
N ALA A 49 21.50 5.37 -0.96
CA ALA A 49 20.06 5.21 -0.78
C ALA A 49 19.67 3.75 -0.64
N LEU A 50 20.25 2.88 -1.47
CA LEU A 50 19.97 1.46 -1.33
C LEU A 50 20.39 0.95 0.04
N GLN A 51 21.57 1.36 0.51
CA GLN A 51 22.04 0.90 1.80
C GLN A 51 21.27 1.48 2.96
N GLU A 52 20.71 2.68 2.83
CA GLU A 52 19.83 3.21 3.86
C GLU A 52 18.48 2.53 3.87
N ALA A 53 17.98 2.12 2.70
CA ALA A 53 16.72 1.38 2.65
C ALA A 53 16.88 -0.03 3.20
N SER A 54 17.95 -0.73 2.81
CA SER A 54 18.13 -2.12 3.22
C SER A 54 18.42 -2.26 4.71
N GLU A 55 19.23 -1.37 5.28
CA GLU A 55 19.56 -1.48 6.69
C GLU A 55 18.42 -1.08 7.60
N ALA A 56 17.46 -0.29 7.11
CA ALA A 56 16.23 -0.05 7.84
C ALA A 56 15.20 -1.15 7.64
N TYR A 57 15.14 -1.77 6.47
CA TYR A 57 14.29 -2.92 6.25
C TYR A 57 14.72 -4.09 7.14
N LEU A 58 16.01 -4.40 7.17
CA LEU A 58 16.48 -5.51 8.00
C LEU A 58 16.33 -5.24 9.48
N VAL A 59 16.58 -4.00 9.91
CA VAL A 59 16.35 -3.66 11.30
C VAL A 59 14.87 -3.77 11.67
N GLY A 60 13.97 -3.36 10.78
CA GLY A 60 12.56 -3.53 11.01
C GLY A 60 12.09 -4.97 11.02
N LEU A 61 12.74 -5.80 10.20
CA LEU A 61 12.45 -7.23 10.22
C LEU A 61 12.93 -7.90 11.51
N PHE A 62 14.10 -7.52 12.01
CA PHE A 62 14.62 -8.08 13.25
C PHE A 62 13.83 -7.65 14.47
N GLU A 63 12.95 -6.66 14.35
CA GLU A 63 12.04 -6.36 15.43
C GLU A 63 10.80 -7.25 15.44
N ASP A 64 10.30 -7.61 14.27
CA ASP A 64 9.21 -8.58 14.17
C ASP A 64 9.67 -9.99 14.51
N THR A 65 10.90 -10.33 14.12
CA THR A 65 11.48 -11.61 14.49
C THR A 65 11.61 -11.76 16.00
N ASN A 66 12.00 -10.70 16.70
CA ASN A 66 12.10 -10.74 18.15
C ASN A 66 10.75 -10.93 18.82
N LEU A 67 9.70 -10.31 18.26
CA LEU A 67 8.35 -10.56 18.74
C LEU A 67 7.92 -12.00 18.52
N CYS A 68 8.26 -12.58 17.37
CA CYS A 68 7.99 -13.97 17.09
C CYS A 68 8.79 -14.94 17.96
N ALA A 69 9.83 -14.47 18.65
CA ALA A 69 10.55 -15.27 19.63
C ALA A 69 10.00 -15.11 21.02
N ILE A 70 9.68 -13.88 21.42
CA ILE A 70 9.03 -13.65 22.70
C ILE A 70 7.69 -14.37 22.75
N HIS A 71 7.04 -14.55 21.60
CA HIS A 71 5.82 -15.34 21.53
C HIS A 71 6.05 -16.80 21.92
N ALA A 72 7.14 -17.40 21.43
CA ALA A 72 7.39 -18.82 21.65
C ALA A 72 8.18 -19.08 22.92
N LYS A 73 8.22 -18.13 23.85
CA LYS A 73 8.95 -18.28 25.11
C LYS A 73 10.42 -18.58 24.87
N ARG A 74 11.06 -17.74 24.07
CA ARG A 74 12.45 -17.90 23.70
C ARG A 74 13.13 -16.53 23.71
N VAL A 75 14.46 -16.55 23.73
CA VAL A 75 15.26 -15.37 23.47
C VAL A 75 16.14 -15.50 22.24
N THR A 76 16.41 -16.71 21.76
CA THR A 76 17.21 -16.92 20.57
C THR A 76 16.31 -16.81 19.35
N ILE A 77 16.50 -15.78 18.54
CA ILE A 77 15.75 -15.64 17.32
C ILE A 77 16.22 -16.69 16.33
N MET A 78 15.30 -17.22 15.54
CA MET A 78 15.57 -18.36 14.67
C MET A 78 14.98 -18.15 13.29
N PRO A 79 15.41 -18.94 12.31
CA PRO A 79 14.76 -18.86 11.00
C PRO A 79 13.26 -19.09 11.07
N LYS A 80 12.78 -19.94 11.98
CA LYS A 80 11.34 -20.10 12.14
C LYS A 80 10.68 -18.76 12.41
N ASP A 81 11.31 -17.96 13.28
CA ASP A 81 10.80 -16.63 13.60
C ASP A 81 10.86 -15.71 12.39
N ILE A 82 11.95 -15.75 11.64
CA ILE A 82 12.04 -14.87 10.48
C ILE A 82 10.96 -15.21 9.47
N GLN A 83 10.74 -16.49 9.20
CA GLN A 83 9.67 -16.86 8.29
C GLN A 83 8.29 -16.51 8.82
N LEU A 84 8.04 -16.64 10.13
CA LEU A 84 6.74 -16.23 10.63
C LEU A 84 6.51 -14.73 10.44
N ALA A 85 7.52 -13.93 10.75
CA ALA A 85 7.39 -12.49 10.56
C ALA A 85 7.19 -12.14 9.09
N ARG A 86 7.94 -12.77 8.20
CA ARG A 86 7.88 -12.46 6.78
C ARG A 86 6.64 -13.03 6.09
N ARG A 87 5.97 -14.00 6.71
CA ARG A 87 4.69 -14.48 6.21
C ARG A 87 3.54 -13.61 6.71
N ILE A 88 3.53 -13.26 8.00
CA ILE A 88 2.49 -12.36 8.48
C ILE A 88 2.60 -11.00 7.81
N ARG A 89 3.82 -10.57 7.48
CA ARG A 89 3.99 -9.30 6.76
C ARG A 89 3.36 -9.36 5.38
N GLY A 90 3.53 -10.48 4.68
CA GLY A 90 2.97 -10.65 3.36
C GLY A 90 4.02 -10.93 2.31
N GLU A 91 5.29 -10.87 2.72
CA GLU A 91 6.39 -11.02 1.76
C GLU A 91 6.50 -12.46 1.28
N ARG A 92 6.37 -13.42 2.18
CA ARG A 92 6.51 -14.82 1.81
C ARG A 92 5.31 -15.31 1.01
N ASP B 1 30.55 -13.56 -6.06
CA ASP B 1 29.99 -14.04 -4.80
C ASP B 1 30.35 -13.11 -3.66
N ASN B 2 29.71 -11.93 -3.65
CA ASN B 2 29.94 -10.92 -2.62
C ASN B 2 28.85 -10.91 -1.56
N ILE B 3 27.93 -11.88 -1.61
CA ILE B 3 26.92 -12.02 -0.56
C ILE B 3 27.51 -12.38 0.79
N GLN B 4 28.73 -12.92 0.82
CA GLN B 4 29.43 -13.21 2.06
C GLN B 4 30.08 -11.98 2.65
N GLY B 5 30.06 -10.86 1.93
CA GLY B 5 30.50 -9.58 2.44
C GLY B 5 29.54 -8.96 3.42
N ILE B 6 28.32 -9.49 3.54
CA ILE B 6 27.44 -9.16 4.63
C ILE B 6 27.82 -10.09 5.77
N THR B 7 28.86 -9.72 6.51
CA THR B 7 29.50 -10.64 7.44
C THR B 7 28.60 -10.89 8.64
N LYS B 8 28.89 -11.97 9.35
CA LYS B 8 28.17 -12.27 10.58
C LYS B 8 28.21 -11.13 11.59
N PRO B 9 29.33 -10.43 11.83
CA PRO B 9 29.27 -9.25 12.70
C PRO B 9 28.32 -8.18 12.22
N ALA B 10 28.21 -7.94 10.91
CA ALA B 10 27.30 -6.92 10.42
C ALA B 10 25.85 -7.31 10.64
N ILE B 11 25.51 -8.57 10.38
CA ILE B 11 24.17 -9.09 10.57
C ILE B 11 23.82 -9.09 12.06
N ARG B 12 24.82 -9.26 12.91
CA ARG B 12 24.60 -9.19 14.34
C ARG B 12 24.44 -7.78 14.87
N ARG B 13 25.18 -6.81 14.33
CA ARG B 13 24.94 -5.40 14.65
C ARG B 13 23.57 -4.94 14.19
N LEU B 14 23.15 -5.31 12.98
CA LEU B 14 21.80 -5.01 12.53
C LEU B 14 20.74 -5.66 13.40
N ALA B 15 21.03 -6.84 13.95
CA ALA B 15 20.10 -7.49 14.87
C ALA B 15 20.04 -6.78 16.20
N ARG B 16 21.20 -6.39 16.74
CA ARG B 16 21.24 -5.68 18.00
C ARG B 16 20.53 -4.33 17.90
N ARG B 17 20.56 -3.70 16.73
CA ARG B 17 19.82 -2.46 16.58
C ARG B 17 18.32 -2.68 16.70
N GLY B 18 17.80 -3.80 16.22
CA GLY B 18 16.40 -4.11 16.36
C GLY B 18 16.02 -4.56 17.76
N GLY B 19 16.98 -5.05 18.53
CA GLY B 19 16.71 -5.42 19.90
C GLY B 19 16.93 -6.88 20.21
N VAL B 20 17.34 -7.65 19.22
CA VAL B 20 17.60 -9.08 19.38
C VAL B 20 18.68 -9.32 20.43
N LYS B 21 18.42 -10.22 21.37
CA LYS B 21 19.36 -10.52 22.44
C LYS B 21 20.29 -11.68 22.11
N ARG B 22 19.74 -12.80 21.67
CA ARG B 22 20.53 -13.96 21.29
C ARG B 22 20.20 -14.32 19.85
N ILE B 23 21.22 -14.69 19.09
CA ILE B 23 21.08 -14.95 17.67
C ILE B 23 21.47 -16.40 17.41
N SER B 24 20.63 -17.12 16.68
CA SER B 24 20.93 -18.50 16.34
C SER B 24 22.07 -18.56 15.33
N GLY B 25 22.45 -19.78 14.97
CA GLY B 25 23.56 -19.97 14.06
C GLY B 25 23.15 -20.07 12.61
N LEU B 26 21.85 -19.99 12.34
CA LEU B 26 21.33 -20.01 10.99
C LEU B 26 20.71 -18.67 10.64
N ILE B 27 20.67 -17.75 11.58
CA ILE B 27 20.13 -16.44 11.34
C ILE B 27 20.94 -15.68 10.30
N TYR B 28 22.26 -15.81 10.30
CA TYR B 28 23.08 -15.06 9.38
C TYR B 28 22.81 -15.49 7.94
N GLU B 29 22.88 -16.79 7.69
CA GLU B 29 22.59 -17.30 6.36
C GLU B 29 21.14 -17.04 5.97
N GLU B 30 20.22 -16.98 6.93
CA GLU B 30 18.83 -16.75 6.57
C GLU B 30 18.51 -15.27 6.33
N THR B 31 19.27 -14.35 6.93
CA THR B 31 19.18 -12.93 6.66
C THR B 31 19.89 -12.54 5.37
N ARG B 32 20.96 -13.22 5.00
CA ARG B 32 21.58 -12.96 3.70
C ARG B 32 20.61 -13.18 2.56
N GLY B 33 19.86 -14.28 2.59
CA GLY B 33 18.91 -14.56 1.53
C GLY B 33 17.66 -13.74 1.56
N VAL B 34 17.46 -12.95 2.61
CA VAL B 34 16.32 -12.05 2.72
C VAL B 34 16.73 -10.70 2.13
N LEU B 35 17.90 -10.23 2.54
CA LEU B 35 18.43 -9.02 1.94
C LEU B 35 18.70 -9.19 0.45
N LYS B 36 19.09 -10.38 0.02
CA LYS B 36 19.31 -10.60 -1.40
C LYS B 36 18.04 -10.42 -2.22
N VAL B 37 16.91 -10.94 -1.76
CA VAL B 37 15.67 -10.76 -2.53
C VAL B 37 15.17 -9.32 -2.43
N PHE B 38 15.36 -8.67 -1.28
CA PHE B 38 14.97 -7.26 -1.16
C PHE B 38 15.72 -6.40 -2.18
N LEU B 39 17.04 -6.55 -2.23
CA LEU B 39 17.82 -5.82 -3.23
C LEU B 39 17.46 -6.27 -4.63
N GLU B 40 17.25 -7.57 -4.85
CA GLU B 40 16.89 -8.03 -6.19
C GLU B 40 15.61 -7.37 -6.69
N ASN B 41 14.69 -7.04 -5.78
CA ASN B 41 13.48 -6.34 -6.18
C ASN B 41 13.72 -4.86 -6.44
N VAL B 42 14.41 -4.18 -5.51
CA VAL B 42 14.55 -2.73 -5.65
C VAL B 42 15.50 -2.38 -6.80
N ILE B 43 16.58 -3.14 -6.97
CA ILE B 43 17.55 -2.87 -8.02
C ILE B 43 17.06 -3.44 -9.34
N ARG B 44 15.83 -3.89 -9.36
CA ARG B 44 15.17 -4.11 -10.63
C ARG B 44 14.17 -3.02 -10.93
N ASP B 45 13.40 -2.59 -9.92
CA ASP B 45 12.50 -1.46 -10.11
C ASP B 45 13.22 -0.15 -10.34
N ALA B 46 14.51 -0.05 -9.99
CA ALA B 46 15.27 1.16 -10.27
C ALA B 46 15.88 1.14 -11.66
N VAL B 47 16.45 0.00 -12.06
CA VAL B 47 16.96 -0.14 -13.41
C VAL B 47 15.87 -0.09 -14.47
N THR B 48 14.63 -0.46 -14.12
CA THR B 48 13.53 -0.22 -15.05
C THR B 48 13.37 1.26 -15.37
N TYR B 49 13.32 2.10 -14.34
CA TYR B 49 13.21 3.54 -14.55
C TYR B 49 14.43 4.06 -15.32
N THR B 50 15.62 3.61 -14.93
CA THR B 50 16.84 4.03 -15.59
C THR B 50 16.80 3.73 -17.08
N GLU B 51 16.43 2.51 -17.45
CA GLU B 51 16.33 2.14 -18.85
C GLU B 51 15.26 2.93 -19.58
N HIS B 52 14.14 3.22 -18.93
CA HIS B 52 13.11 4.02 -19.58
C HIS B 52 13.63 5.42 -19.90
N ALA B 53 14.32 6.04 -18.94
CA ALA B 53 14.82 7.39 -19.18
C ALA B 53 16.00 7.38 -20.14
N LYS B 54 16.27 6.22 -20.73
CA LYS B 54 17.35 6.05 -21.69
C LYS B 54 18.67 6.57 -21.14
N ARG B 55 18.92 6.21 -19.89
CA ARG B 55 20.15 6.55 -19.18
C ARG B 55 20.96 5.28 -18.98
N LYS B 56 22.21 5.46 -18.54
CA LYS B 56 23.04 4.32 -18.13
C LYS B 56 23.58 4.49 -16.72
N THR B 57 23.18 5.55 -16.02
CA THR B 57 23.60 5.79 -14.64
C THR B 57 22.38 5.71 -13.75
N VAL B 58 22.38 4.78 -12.81
CA VAL B 58 21.28 4.68 -11.87
C VAL B 58 21.39 5.82 -10.90
N THR B 59 20.30 6.55 -10.71
CA THR B 59 20.28 7.74 -9.89
C THR B 59 19.59 7.46 -8.56
N ALA B 60 19.91 8.28 -7.56
CA ALA B 60 19.16 8.25 -6.31
C ALA B 60 17.68 8.44 -6.53
N MET B 61 17.28 9.18 -7.56
CA MET B 61 15.86 9.35 -7.84
C MET B 61 15.25 8.07 -8.40
N ASP B 62 15.97 7.35 -9.27
CA ASP B 62 15.50 6.03 -9.67
C ASP B 62 15.32 5.12 -8.48
N VAL B 63 16.27 5.13 -7.55
CA VAL B 63 16.15 4.30 -6.36
C VAL B 63 14.96 4.75 -5.50
N VAL B 64 14.80 6.06 -5.32
CA VAL B 64 13.72 6.56 -4.47
C VAL B 64 12.36 6.19 -5.06
N TYR B 65 12.21 6.26 -6.37
CA TYR B 65 10.95 5.87 -6.98
C TYR B 65 10.74 4.37 -6.91
N ALA B 66 11.78 3.58 -7.17
CA ALA B 66 11.68 2.13 -7.03
C ALA B 66 11.27 1.72 -5.64
N LEU B 67 11.69 2.48 -4.63
CA LEU B 67 11.29 2.26 -3.26
C LEU B 67 9.87 2.72 -2.99
N LYS B 68 9.47 3.87 -3.54
CA LYS B 68 8.12 4.38 -3.36
C LYS B 68 7.09 3.42 -3.94
N ARG B 69 7.40 2.83 -5.09
CA ARG B 69 6.46 1.93 -5.74
C ARG B 69 6.27 0.62 -4.98
N GLN B 70 7.13 0.32 -4.01
CA GLN B 70 6.98 -0.87 -3.17
C GLN B 70 6.44 -0.54 -1.80
N GLY B 71 5.93 0.67 -1.59
CA GLY B 71 5.32 1.07 -0.35
C GLY B 71 6.29 1.61 0.67
N ARG B 72 7.57 1.65 0.34
CA ARG B 72 8.60 2.15 1.25
C ARG B 72 9.16 3.45 0.70
N THR B 73 8.64 4.58 1.19
CA THR B 73 9.18 5.88 0.84
C THR B 73 10.44 6.15 1.65
N LEU B 74 11.35 6.93 1.06
CA LEU B 74 12.65 7.23 1.67
C LEU B 74 12.88 8.73 1.60
N TYR B 75 13.11 9.34 2.77
CA TYR B 75 13.29 10.78 2.89
C TYR B 75 14.77 11.10 3.03
N GLY B 76 15.28 11.97 2.17
CA GLY B 76 16.64 12.45 2.34
C GLY B 76 17.44 12.56 1.06
N PHE B 77 17.16 11.68 0.11
CA PHE B 77 17.92 11.60 -1.14
C PHE B 77 17.15 12.28 -2.26
N GLY B 78 17.03 13.60 -2.16
CA GLY B 78 16.32 14.38 -3.15
C GLY B 78 14.86 14.57 -2.81
N LYS C 1 -12.89 2.94 -39.50
CA LYS C 1 -12.46 1.54 -39.42
C LYS C 1 -12.35 1.09 -37.98
N SER C 2 -12.60 -0.18 -37.73
CA SER C 2 -12.52 -0.74 -36.38
C SER C 2 -11.05 -0.84 -35.97
N ARG C 3 -10.61 0.08 -35.11
CA ARG C 3 -9.23 0.01 -34.61
C ARG C 3 -9.03 -1.11 -33.61
N SER C 4 -10.10 -1.75 -33.16
CA SER C 4 -9.97 -2.88 -32.26
C SER C 4 -9.95 -4.18 -33.06
N SER C 5 -10.02 -4.06 -34.38
CA SER C 5 -9.82 -5.20 -35.26
C SER C 5 -8.54 -4.96 -36.05
N ARG C 6 -8.18 -3.69 -36.25
CA ARG C 6 -6.90 -3.37 -36.85
C ARG C 6 -5.76 -3.91 -36.02
N ALA C 7 -5.94 -4.00 -34.69
CA ALA C 7 -4.97 -4.59 -33.80
C ALA C 7 -5.14 -6.10 -33.67
N GLY C 8 -6.35 -6.61 -33.88
CA GLY C 8 -6.63 -8.02 -33.68
C GLY C 8 -7.29 -8.25 -32.35
N LEU C 9 -7.70 -7.16 -31.72
CA LEU C 9 -8.15 -7.17 -30.34
C LEU C 9 -9.65 -7.43 -30.24
N GLN C 10 -10.14 -7.44 -29.02
CA GLN C 10 -11.57 -7.37 -28.73
C GLN C 10 -11.96 -6.28 -27.75
N PHE C 11 -11.05 -5.80 -26.91
CA PHE C 11 -11.36 -4.64 -26.10
C PHE C 11 -11.43 -3.39 -26.98
N PRO C 12 -12.18 -2.37 -26.57
CA PRO C 12 -12.30 -1.18 -27.43
C PRO C 12 -11.11 -0.26 -27.25
N VAL C 13 -10.22 -0.22 -28.25
CA VAL C 13 -9.13 0.73 -28.19
C VAL C 13 -9.65 2.15 -28.22
N GLY C 14 -10.81 2.38 -28.85
CA GLY C 14 -11.39 3.72 -28.83
C GLY C 14 -11.86 4.13 -27.45
N ARG C 15 -12.55 3.23 -26.75
CA ARG C 15 -13.00 3.55 -25.40
C ARG C 15 -11.82 3.68 -24.45
N VAL C 16 -10.79 2.87 -24.63
CA VAL C 16 -9.59 3.03 -23.81
C VAL C 16 -8.91 4.37 -24.11
N HIS C 17 -8.89 4.78 -25.39
CA HIS C 17 -8.41 6.11 -25.74
C HIS C 17 -9.15 7.20 -25.00
N ARG C 18 -10.48 7.17 -25.06
CA ARG C 18 -11.27 8.21 -24.43
C ARG C 18 -11.15 8.18 -22.92
N LEU C 19 -10.97 7.00 -22.33
CA LEU C 19 -10.76 6.91 -20.89
C LEU C 19 -9.38 7.43 -20.49
N LEU C 20 -8.35 7.15 -21.30
CA LEU C 20 -7.03 7.70 -21.04
C LEU C 20 -7.05 9.22 -21.11
N ARG C 21 -7.74 9.78 -22.10
CA ARG C 21 -7.81 11.24 -22.24
C ARG C 21 -8.67 11.89 -21.17
N LYS C 22 -9.81 11.30 -20.84
CA LYS C 22 -10.70 11.90 -19.86
C LYS C 22 -10.13 11.82 -18.46
N GLY C 23 -9.37 10.77 -18.16
CA GLY C 23 -8.87 10.53 -16.83
C GLY C 23 -7.82 11.53 -16.37
N ASN C 24 -7.35 12.38 -17.29
CA ASN C 24 -6.33 13.38 -17.01
C ASN C 24 -5.02 12.72 -16.58
N TYR C 25 -4.45 11.91 -17.47
CA TYR C 25 -3.18 11.25 -17.19
C TYR C 25 -2.00 11.94 -17.87
N ALA C 26 -2.24 12.67 -18.95
CA ALA C 26 -1.21 13.47 -19.58
C ALA C 26 -1.90 14.48 -20.48
N GLU C 27 -1.22 15.61 -20.71
CA GLU C 27 -1.78 16.63 -21.58
C GLU C 27 -2.00 16.10 -22.99
N ARG C 28 -1.21 15.10 -23.39
CA ARG C 28 -1.40 14.43 -24.67
C ARG C 28 -1.32 12.93 -24.45
N VAL C 29 -1.94 12.18 -25.35
CA VAL C 29 -1.92 10.72 -25.29
C VAL C 29 -1.57 10.20 -26.66
N GLY C 30 -0.57 9.33 -26.74
CA GLY C 30 -0.05 8.85 -28.01
C GLY C 30 -1.05 8.07 -28.81
N ALA C 31 -0.60 7.53 -29.93
CA ALA C 31 -1.46 6.79 -30.85
C ALA C 31 -1.26 5.29 -30.71
N GLY C 32 -0.48 4.88 -29.71
CA GLY C 32 -0.26 3.47 -29.47
C GLY C 32 -0.55 3.10 -28.04
N ALA C 33 -0.73 4.10 -27.19
CA ALA C 33 -1.09 3.87 -25.80
C ALA C 33 -2.44 3.16 -25.68
N PRO C 34 -3.50 3.60 -26.41
CA PRO C 34 -4.77 2.86 -26.33
C PRO C 34 -4.65 1.43 -26.83
N VAL C 35 -3.82 1.18 -27.84
CA VAL C 35 -3.68 -0.17 -28.38
C VAL C 35 -2.86 -1.08 -27.47
N TYR C 36 -1.85 -0.55 -26.79
CA TYR C 36 -1.10 -1.31 -25.79
C TYR C 36 -1.96 -1.61 -24.57
N MET C 37 -2.67 -0.61 -24.05
CA MET C 37 -3.54 -0.80 -22.92
C MET C 37 -4.94 -1.21 -23.36
N ALA C 38 -5.02 -2.09 -24.33
CA ALA C 38 -6.26 -2.78 -24.68
C ALA C 38 -5.87 -4.18 -25.06
N ALA C 39 -4.57 -4.44 -25.10
CA ALA C 39 -4.04 -5.77 -25.23
C ALA C 39 -3.41 -6.27 -23.94
N VAL C 40 -3.00 -5.38 -23.05
CA VAL C 40 -2.63 -5.81 -21.71
C VAL C 40 -3.84 -6.31 -20.94
N LEU C 41 -4.92 -5.52 -20.95
CA LEU C 41 -6.12 -5.93 -20.22
C LEU C 41 -6.82 -7.10 -20.90
N GLU C 42 -6.80 -7.15 -22.23
CA GLU C 42 -7.38 -8.30 -22.91
C GLU C 42 -6.63 -9.58 -22.54
N TYR C 43 -5.30 -9.54 -22.52
CA TYR C 43 -4.53 -10.73 -22.14
C TYR C 43 -4.75 -11.10 -20.68
N LEU C 44 -4.76 -10.12 -19.77
CA LEU C 44 -5.01 -10.42 -18.37
C LEU C 44 -6.39 -11.00 -18.13
N THR C 45 -7.41 -10.46 -18.78
CA THR C 45 -8.76 -11.03 -18.71
C THR C 45 -8.80 -12.42 -19.29
N ALA C 46 -8.16 -12.67 -20.43
CA ALA C 46 -8.13 -13.98 -21.06
C ALA C 46 -7.41 -14.98 -20.25
N GLU C 47 -6.50 -14.54 -19.38
CA GLU C 47 -5.81 -15.42 -18.46
C GLU C 47 -6.63 -15.75 -17.23
N ILE C 48 -7.17 -14.73 -16.54
CA ILE C 48 -7.96 -14.99 -15.35
C ILE C 48 -9.21 -15.80 -15.71
N LEU C 49 -9.85 -15.46 -16.83
CA LEU C 49 -11.05 -16.17 -17.23
C LEU C 49 -10.76 -17.61 -17.59
N GLU C 50 -9.65 -17.88 -18.26
CA GLU C 50 -9.30 -19.26 -18.56
C GLU C 50 -9.03 -20.05 -17.29
N LEU C 51 -8.29 -19.46 -16.35
CA LEU C 51 -8.03 -20.16 -15.09
C LEU C 51 -9.31 -20.40 -14.29
N ALA C 52 -10.22 -19.42 -14.25
CA ALA C 52 -11.47 -19.60 -13.53
C ALA C 52 -12.40 -20.59 -14.21
N GLY C 53 -12.39 -20.64 -15.54
CA GLY C 53 -13.14 -21.66 -16.23
C GLY C 53 -12.62 -23.06 -15.94
N ASN C 54 -11.29 -23.21 -15.86
CA ASN C 54 -10.73 -24.48 -15.43
C ASN C 54 -11.14 -24.83 -13.99
N ALA C 55 -11.08 -23.85 -13.08
CA ALA C 55 -11.54 -24.09 -11.72
C ALA C 55 -13.01 -24.46 -11.64
N ALA C 56 -13.86 -23.91 -12.50
CA ALA C 56 -15.25 -24.27 -12.56
C ALA C 56 -15.49 -25.65 -13.15
N ARG C 57 -14.74 -26.04 -14.17
CA ARG C 57 -14.83 -27.39 -14.69
C ARG C 57 -14.31 -28.42 -13.72
N ASP C 58 -13.39 -28.04 -12.82
CA ASP C 58 -12.95 -28.94 -11.77
C ASP C 58 -14.00 -29.15 -10.69
N ASN C 59 -15.00 -28.28 -10.61
CA ASN C 59 -16.11 -28.40 -9.66
C ASN C 59 -17.38 -28.91 -10.33
N LYS C 60 -17.23 -29.53 -11.52
CA LYS C 60 -18.36 -30.08 -12.26
C LYS C 60 -19.46 -29.04 -12.48
N LYS C 61 -19.09 -27.89 -13.04
CA LYS C 61 -20.03 -26.80 -13.24
C LYS C 61 -19.80 -26.22 -14.63
N THR C 62 -20.79 -25.45 -15.11
CA THR C 62 -20.67 -24.84 -16.42
C THR C 62 -20.81 -23.32 -16.39
N ARG C 63 -20.83 -22.68 -15.22
CA ARG C 63 -20.94 -21.23 -15.12
C ARG C 63 -19.99 -20.71 -14.06
N ILE C 64 -19.15 -19.75 -14.45
CA ILE C 64 -18.19 -19.16 -13.52
C ILE C 64 -18.94 -18.31 -12.51
N ILE C 65 -18.62 -18.50 -11.24
CA ILE C 65 -19.17 -17.71 -10.15
C ILE C 65 -17.99 -17.12 -9.40
N PRO C 66 -18.16 -16.10 -8.57
CA PRO C 66 -17.00 -15.47 -7.93
C PRO C 66 -16.09 -16.45 -7.19
N ARG C 67 -16.64 -17.57 -6.73
CA ARG C 67 -15.82 -18.57 -6.06
C ARG C 67 -14.72 -19.06 -6.99
N HIS C 68 -15.02 -19.26 -8.26
CA HIS C 68 -14.02 -19.79 -9.17
C HIS C 68 -12.96 -18.76 -9.50
N LEU C 69 -13.34 -17.49 -9.65
CA LEU C 69 -12.33 -16.46 -9.85
C LEU C 69 -11.41 -16.37 -8.65
N GLN C 70 -11.96 -16.42 -7.43
CA GLN C 70 -11.11 -16.40 -6.25
C GLN C 70 -10.21 -17.63 -6.18
N LEU C 71 -10.73 -18.80 -6.53
CA LEU C 71 -9.90 -20.00 -6.55
C LEU C 71 -8.76 -19.87 -7.54
N ALA C 72 -9.04 -19.42 -8.76
CA ALA C 72 -7.98 -19.25 -9.76
C ALA C 72 -6.95 -18.23 -9.32
N ILE C 73 -7.39 -17.09 -8.81
CA ILE C 73 -6.47 -16.03 -8.41
C ILE C 73 -5.58 -16.50 -7.26
N ARG C 74 -6.19 -17.13 -6.25
CA ARG C 74 -5.42 -17.53 -5.08
C ARG C 74 -4.67 -18.83 -5.29
N ASN C 75 -4.93 -19.54 -6.38
CA ASN C 75 -4.19 -20.74 -6.71
C ASN C 75 -3.00 -20.46 -7.60
N ASP C 76 -3.10 -19.45 -8.47
CA ASP C 76 -1.96 -19.03 -9.27
C ASP C 76 -1.08 -18.06 -8.50
N GLU C 77 0.23 -18.28 -8.57
CA GLU C 77 1.19 -17.49 -7.82
C GLU C 77 1.34 -16.07 -8.35
N GLU C 78 1.31 -15.88 -9.67
CA GLU C 78 1.44 -14.54 -10.22
C GLU C 78 0.20 -13.70 -9.92
N LEU C 79 -0.99 -14.25 -10.17
CA LEU C 79 -2.21 -13.52 -9.87
C LEU C 79 -2.39 -13.32 -8.38
N ASN C 80 -1.85 -14.22 -7.56
CA ASN C 80 -1.81 -13.99 -6.13
C ASN C 80 -1.10 -12.68 -5.81
N LYS C 81 0.09 -12.48 -6.38
CA LYS C 81 0.91 -11.33 -6.08
C LYS C 81 0.33 -10.06 -6.68
N LEU C 82 -0.20 -10.15 -7.91
CA LEU C 82 -0.84 -8.99 -8.52
C LEU C 82 -2.07 -8.56 -7.72
N LEU C 83 -2.98 -9.50 -7.46
CA LEU C 83 -4.19 -9.23 -6.70
C LEU C 83 -3.98 -9.69 -5.26
N GLY C 84 -3.19 -8.92 -4.53
CA GLY C 84 -2.85 -9.25 -3.16
C GLY C 84 -3.56 -8.37 -2.16
N LYS C 85 -4.20 -7.32 -2.65
CA LYS C 85 -5.04 -6.48 -1.83
C LYS C 85 -6.50 -6.54 -2.23
N VAL C 86 -6.87 -7.51 -3.07
CA VAL C 86 -8.21 -7.57 -3.64
C VAL C 86 -9.06 -8.52 -2.81
N THR C 87 -10.25 -8.05 -2.41
CA THR C 87 -11.24 -8.87 -1.73
C THR C 87 -12.34 -9.22 -2.73
N ILE C 88 -12.26 -10.41 -3.30
CA ILE C 88 -13.20 -10.86 -4.30
C ILE C 88 -14.50 -11.22 -3.59
N ALA C 89 -15.56 -10.47 -3.86
CA ALA C 89 -16.80 -10.61 -3.12
C ALA C 89 -17.43 -11.97 -3.39
N GLN C 90 -17.94 -12.60 -2.34
CA GLN C 90 -18.55 -13.92 -2.42
C GLN C 90 -17.57 -14.95 -2.99
N GLY C 91 -16.33 -14.89 -2.54
CA GLY C 91 -15.30 -15.77 -3.05
C GLY C 91 -14.87 -16.84 -2.07
N GLY C 92 -15.07 -16.62 -0.79
CA GLY C 92 -14.62 -17.56 0.22
C GLY C 92 -13.12 -17.53 0.35
N VAL C 93 -12.58 -18.66 0.82
CA VAL C 93 -11.13 -18.82 0.95
C VAL C 93 -10.69 -20.08 0.21
N LEU C 94 -9.38 -20.29 0.15
CA LEU C 94 -8.80 -21.51 -0.42
C LEU C 94 -8.98 -22.66 0.55
N PRO C 95 -9.46 -23.82 0.11
CA PRO C 95 -9.62 -24.95 1.03
C PRO C 95 -8.27 -25.50 1.46
N ASN C 96 -7.86 -25.22 2.70
CA ASN C 96 -6.54 -25.59 3.17
C ASN C 96 -6.51 -25.58 4.68
N ILE C 97 -5.85 -26.56 5.27
CA ILE C 97 -5.69 -26.68 6.71
C ILE C 97 -4.23 -26.95 7.03
N GLN C 98 -3.82 -26.66 8.26
CA GLN C 98 -2.45 -26.92 8.68
C GLN C 98 -2.23 -28.42 8.88
N ALA C 99 -0.97 -28.84 8.74
CA ALA C 99 -0.62 -30.24 8.96
C ALA C 99 -0.43 -30.56 10.43
N VAL C 100 -0.28 -29.53 11.27
CA VAL C 100 -0.07 -29.70 12.70
C VAL C 100 -1.44 -29.83 13.36
N LEU C 101 -2.50 -29.69 12.55
CA LEU C 101 -3.85 -29.69 13.07
C LEU C 101 -4.59 -31.00 12.87
N LEU C 102 -4.21 -31.83 11.90
CA LEU C 102 -4.87 -33.09 11.66
C LEU C 102 -4.47 -34.12 12.71
N PRO C 103 -5.32 -35.14 12.95
CA PRO C 103 -4.92 -36.22 13.87
C PRO C 103 -3.90 -37.16 13.23
N SER D 2 -18.17 -0.18 -18.26
CA SER D 2 -18.66 -1.55 -18.29
C SER D 2 -18.07 -2.33 -19.46
N TYR D 3 -17.32 -3.37 -19.14
CA TYR D 3 -16.64 -4.18 -20.13
C TYR D 3 -17.32 -5.52 -20.36
N SER D 4 -18.61 -5.64 -20.01
CA SER D 4 -19.26 -6.93 -19.95
C SER D 4 -19.27 -7.63 -21.30
N VAL D 5 -19.57 -6.89 -22.37
CA VAL D 5 -19.64 -7.52 -23.69
C VAL D 5 -18.27 -8.05 -24.12
N TYR D 6 -17.20 -7.29 -23.90
CA TYR D 6 -15.89 -7.78 -24.30
C TYR D 6 -15.39 -8.91 -23.40
N VAL D 7 -15.70 -8.86 -22.10
CA VAL D 7 -15.39 -9.99 -21.24
C VAL D 7 -16.12 -11.23 -21.73
N TYR D 8 -17.38 -11.08 -22.13
CA TYR D 8 -18.11 -12.18 -22.75
C TYR D 8 -17.44 -12.67 -24.02
N LYS D 9 -16.97 -11.77 -24.87
CA LYS D 9 -16.31 -12.18 -26.12
C LYS D 9 -15.05 -12.98 -25.83
N VAL D 10 -14.23 -12.50 -24.91
CA VAL D 10 -13.00 -13.21 -24.54
C VAL D 10 -13.32 -14.57 -23.95
N LEU D 11 -14.33 -14.61 -23.06
CA LEU D 11 -14.73 -15.87 -22.44
C LEU D 11 -15.21 -16.86 -23.49
N LYS D 12 -16.04 -16.40 -24.43
CA LYS D 12 -16.54 -17.30 -25.46
C LYS D 12 -15.43 -17.75 -26.38
N GLN D 13 -14.40 -16.93 -26.54
CA GLN D 13 -13.27 -17.31 -27.39
C GLN D 13 -12.39 -18.36 -26.72
N VAL D 14 -12.13 -18.24 -25.42
CA VAL D 14 -11.25 -19.20 -24.77
C VAL D 14 -12.03 -20.45 -24.35
N HIS D 15 -13.09 -20.28 -23.55
CA HIS D 15 -13.94 -21.36 -23.07
C HIS D 15 -15.33 -21.20 -23.67
N PRO D 16 -15.60 -21.78 -24.83
CA PRO D 16 -16.89 -21.54 -25.51
C PRO D 16 -18.05 -22.33 -24.93
N ASP D 17 -17.80 -23.29 -24.05
CA ASP D 17 -18.86 -24.05 -23.41
C ASP D 17 -19.27 -23.49 -22.06
N THR D 18 -18.33 -22.87 -21.35
CA THR D 18 -18.55 -22.37 -20.00
C THR D 18 -19.12 -20.97 -20.04
N GLY D 19 -20.09 -20.71 -19.15
CA GLY D 19 -20.69 -19.40 -19.05
C GLY D 19 -20.22 -18.64 -17.84
N ILE D 20 -20.76 -17.43 -17.62
CA ILE D 20 -20.35 -16.59 -16.51
C ILE D 20 -21.60 -15.99 -15.86
N SER D 21 -21.57 -15.90 -14.55
CA SER D 21 -22.70 -15.39 -13.78
C SER D 21 -22.68 -13.87 -13.76
N SER D 22 -23.83 -13.28 -13.46
CA SER D 22 -23.93 -11.83 -13.40
C SER D 22 -23.09 -11.22 -12.30
N LYS D 23 -22.69 -12.00 -11.29
CA LYS D 23 -21.82 -11.50 -10.24
C LYS D 23 -20.37 -11.90 -10.42
N ALA D 24 -20.09 -12.91 -11.23
CA ALA D 24 -18.74 -13.15 -11.73
C ALA D 24 -18.39 -12.22 -12.88
N MET D 25 -19.38 -11.48 -13.39
CA MET D 25 -19.15 -10.42 -14.36
C MET D 25 -19.01 -9.06 -13.70
N GLY D 26 -19.54 -8.87 -12.50
CA GLY D 26 -19.38 -7.62 -11.79
C GLY D 26 -18.06 -7.59 -11.05
N ILE D 27 -17.29 -8.66 -11.20
CA ILE D 27 -15.92 -8.72 -10.71
C ILE D 27 -14.92 -8.47 -11.82
N MET D 28 -15.16 -9.01 -13.02
CA MET D 28 -14.33 -8.68 -14.16
C MET D 28 -14.39 -7.21 -14.53
N ASN D 29 -15.54 -6.56 -14.40
CA ASN D 29 -15.57 -5.12 -14.62
C ASN D 29 -14.68 -4.39 -13.63
N SER D 30 -14.78 -4.73 -12.34
CA SER D 30 -13.91 -4.12 -11.35
C SER D 30 -12.45 -4.48 -11.58
N PHE D 31 -12.19 -5.70 -12.04
CA PHE D 31 -10.81 -6.11 -12.33
C PHE D 31 -10.20 -5.26 -13.43
N VAL D 32 -10.89 -5.15 -14.57
CA VAL D 32 -10.39 -4.37 -15.68
C VAL D 32 -10.32 -2.89 -15.33
N ASN D 33 -11.29 -2.37 -14.60
CA ASN D 33 -11.24 -0.97 -14.17
C ASN D 33 -10.11 -0.69 -13.19
N ASP D 34 -9.68 -1.68 -12.41
CA ASP D 34 -8.58 -1.49 -11.46
C ASP D 34 -7.24 -1.57 -12.18
N ILE D 35 -7.07 -2.57 -13.05
CA ILE D 35 -5.81 -2.75 -13.76
C ILE D 35 -5.70 -1.80 -14.93
N PHE D 36 -6.76 -1.05 -15.21
CA PHE D 36 -6.60 0.13 -16.06
C PHE D 36 -6.01 1.27 -15.24
N GLU D 37 -6.74 1.74 -14.24
CA GLU D 37 -6.32 2.85 -13.39
C GLU D 37 -4.98 2.62 -12.73
N ARG D 38 -4.46 1.39 -12.72
CA ARG D 38 -3.10 1.12 -12.26
C ARG D 38 -2.05 1.44 -13.31
N ILE D 39 -2.16 0.81 -14.48
CA ILE D 39 -1.18 1.06 -15.54
C ILE D 39 -1.22 2.52 -15.97
N ALA D 40 -2.41 3.12 -16.01
CA ALA D 40 -2.54 4.50 -16.42
C ALA D 40 -1.97 5.49 -15.40
N GLY D 41 -1.98 5.16 -14.12
CA GLY D 41 -1.35 6.03 -13.15
C GLY D 41 0.15 5.87 -13.16
N GLU D 42 0.61 4.63 -13.38
CA GLU D 42 2.04 4.41 -13.45
C GLU D 42 2.66 5.03 -14.69
N ALA D 43 1.99 4.92 -15.85
CA ALA D 43 2.45 5.60 -17.05
C ALA D 43 2.38 7.11 -16.91
N SER D 44 1.39 7.64 -16.19
CA SER D 44 1.37 9.06 -15.89
C SER D 44 2.58 9.49 -15.08
N ARG D 45 2.94 8.74 -14.05
CA ARG D 45 4.16 9.04 -13.30
C ARG D 45 5.40 8.94 -14.18
N LEU D 46 5.45 7.94 -15.05
CA LEU D 46 6.59 7.76 -15.94
C LEU D 46 6.73 8.89 -16.94
N ALA D 47 5.61 9.45 -17.42
CA ALA D 47 5.66 10.64 -18.25
C ALA D 47 6.06 11.87 -17.48
N HIS D 48 5.56 12.05 -16.25
CA HIS D 48 5.85 13.24 -15.48
C HIS D 48 7.29 13.30 -15.01
N TYR D 49 7.90 12.17 -14.69
CA TYR D 49 9.28 12.21 -14.19
C TYR D 49 10.25 12.60 -15.28
N ASN D 50 10.07 12.08 -16.48
CA ASN D 50 10.93 12.46 -17.61
C ASN D 50 10.52 13.77 -18.24
N LYS D 51 9.55 14.45 -17.64
CA LYS D 51 9.10 15.75 -18.09
C LYS D 51 8.55 15.68 -19.52
N ARG D 52 7.59 14.78 -19.71
CA ARG D 52 6.84 14.67 -20.95
C ARG D 52 5.41 15.13 -20.74
N SER D 53 4.77 15.50 -21.85
CA SER D 53 3.35 15.80 -21.87
C SER D 53 2.52 14.70 -22.50
N THR D 54 3.14 13.70 -23.08
CA THR D 54 2.45 12.64 -23.81
C THR D 54 2.65 11.30 -23.10
N ILE D 55 1.67 10.42 -23.24
CA ILE D 55 1.82 9.01 -22.85
C ILE D 55 1.77 8.17 -24.11
N THR D 56 2.74 7.28 -24.27
CA THR D 56 2.81 6.43 -25.44
C THR D 56 3.02 4.98 -25.03
N SER D 57 3.21 4.11 -26.03
CA SER D 57 3.47 2.70 -25.79
C SER D 57 4.92 2.46 -25.48
N ARG D 58 5.49 3.30 -24.62
CA ARG D 58 6.79 3.10 -24.00
C ARG D 58 6.58 3.32 -22.51
N GLU D 59 5.79 4.34 -22.19
CA GLU D 59 5.34 4.56 -20.82
C GLU D 59 4.28 3.57 -20.42
N ILE D 60 3.51 3.03 -21.36
CA ILE D 60 2.65 1.91 -21.03
C ILE D 60 3.47 0.63 -20.81
N GLN D 61 4.50 0.42 -21.63
CA GLN D 61 5.31 -0.79 -21.48
C GLN D 61 6.08 -0.79 -20.17
N THR D 62 6.66 0.36 -19.81
CA THR D 62 7.38 0.44 -18.55
C THR D 62 6.46 0.26 -17.36
N ALA D 63 5.24 0.80 -17.42
CA ALA D 63 4.25 0.55 -16.38
C ALA D 63 3.86 -0.93 -16.29
N VAL D 64 3.71 -1.61 -17.42
CA VAL D 64 3.47 -3.05 -17.39
C VAL D 64 4.63 -3.77 -16.71
N ARG D 65 5.86 -3.42 -17.09
CA ARG D 65 7.03 -4.07 -16.52
C ARG D 65 7.17 -3.81 -15.02
N LEU D 66 6.74 -2.65 -14.55
CA LEU D 66 6.78 -2.36 -13.13
C LEU D 66 5.66 -3.03 -12.34
N LEU D 67 4.45 -3.11 -12.92
CA LEU D 67 3.29 -3.64 -12.20
C LEU D 67 3.20 -5.15 -12.26
N LEU D 68 3.20 -5.72 -13.46
CA LEU D 68 2.91 -7.15 -13.56
C LEU D 68 4.13 -7.98 -13.14
N PRO D 69 3.94 -9.06 -12.40
CA PRO D 69 5.08 -9.85 -11.94
C PRO D 69 5.50 -10.98 -12.87
N GLY D 70 6.78 -11.06 -13.17
CA GLY D 70 7.35 -12.25 -13.79
C GLY D 70 6.83 -12.55 -15.18
N GLU D 71 6.41 -13.80 -15.39
CA GLU D 71 5.89 -14.22 -16.68
C GLU D 71 4.63 -13.46 -17.07
N LEU D 72 3.85 -12.98 -16.11
CA LEU D 72 2.74 -12.09 -16.42
C LEU D 72 3.24 -10.88 -17.19
N ALA D 73 4.25 -10.20 -16.65
CA ALA D 73 4.80 -9.03 -17.33
C ALA D 73 5.43 -9.40 -18.67
N LYS D 74 6.14 -10.52 -18.72
CA LYS D 74 6.75 -10.94 -19.97
C LYS D 74 5.71 -11.12 -21.07
N HIS D 75 4.68 -11.91 -20.80
CA HIS D 75 3.63 -12.14 -21.79
C HIS D 75 2.79 -10.92 -22.08
N ALA D 76 2.50 -10.09 -21.08
CA ALA D 76 1.73 -8.88 -21.32
C ALA D 76 2.50 -7.91 -22.21
N VAL D 77 3.81 -7.76 -21.97
CA VAL D 77 4.63 -6.93 -22.83
C VAL D 77 4.66 -7.49 -24.24
N SER D 78 4.79 -8.80 -24.37
CA SER D 78 4.77 -9.39 -25.70
C SER D 78 3.45 -9.13 -26.42
N GLU D 79 2.31 -9.30 -25.74
CA GLU D 79 1.02 -9.06 -26.35
C GLU D 79 0.83 -7.60 -26.73
N GLY D 80 1.24 -6.69 -25.85
CA GLY D 80 1.12 -5.27 -26.14
C GLY D 80 1.95 -4.86 -27.35
N THR D 81 3.19 -5.34 -27.42
CA THR D 81 4.03 -5.07 -28.57
C THR D 81 3.42 -5.65 -29.84
N LYS D 82 2.89 -6.88 -29.76
CA LYS D 82 2.27 -7.48 -30.95
C LYS D 82 1.07 -6.67 -31.43
N ALA D 83 0.20 -6.25 -30.51
CA ALA D 83 -0.95 -5.43 -30.88
C ALA D 83 -0.56 -4.07 -31.44
N VAL D 84 0.42 -3.39 -30.85
CA VAL D 84 0.80 -2.09 -31.37
C VAL D 84 1.48 -2.23 -32.73
N THR D 85 2.35 -3.22 -32.90
CA THR D 85 3.01 -3.42 -34.19
C THR D 85 2.06 -3.95 -35.25
N LYS D 86 0.93 -4.53 -34.87
CA LYS D 86 -0.11 -4.86 -35.85
C LYS D 86 -1.00 -3.69 -36.19
N TYR D 87 -1.32 -2.83 -35.22
CA TYR D 87 -2.09 -1.63 -35.53
C TYR D 87 -1.29 -0.69 -36.43
N THR D 88 -0.01 -0.51 -36.13
CA THR D 88 0.83 0.39 -36.93
C THR D 88 0.95 -0.11 -38.37
N SER D 89 1.14 -1.41 -38.54
CA SER D 89 1.26 -1.99 -39.88
C SER D 89 -0.07 -1.92 -40.63
N PRO E 1 -12.80 -34.69 21.03
CA PRO E 1 -13.24 -33.30 20.93
C PRO E 1 -12.43 -32.47 19.95
N GLY E 2 -12.13 -33.05 18.79
CA GLY E 2 -11.46 -32.30 17.75
C GLY E 2 -11.89 -32.69 16.35
N THR E 3 -12.86 -33.60 16.25
CA THR E 3 -13.31 -34.07 14.95
C THR E 3 -14.41 -33.18 14.39
N VAL E 4 -15.31 -32.71 15.26
CA VAL E 4 -16.35 -31.79 14.83
C VAL E 4 -15.71 -30.49 14.36
N ALA E 5 -14.65 -30.04 15.02
CA ALA E 5 -13.94 -28.86 14.56
C ALA E 5 -13.35 -29.07 13.18
N LEU E 6 -12.79 -30.24 12.92
CA LEU E 6 -12.21 -30.53 11.62
C LEU E 6 -13.24 -30.66 10.52
N ARG E 7 -14.45 -31.13 10.83
CA ARG E 7 -15.47 -31.10 9.79
C ARG E 7 -16.10 -29.71 9.64
N GLU E 8 -16.15 -28.93 10.71
CA GLU E 8 -16.62 -27.55 10.58
C GLU E 8 -15.69 -26.74 9.69
N ILE E 9 -14.38 -26.94 9.84
CA ILE E 9 -13.44 -26.23 8.98
C ILE E 9 -13.66 -26.62 7.53
N ARG E 10 -13.78 -27.92 7.26
CA ARG E 10 -13.99 -28.41 5.91
C ARG E 10 -15.34 -28.01 5.34
N ARG E 11 -16.31 -27.66 6.19
CA ARG E 11 -17.59 -27.13 5.73
C ARG E 11 -17.55 -25.65 5.43
N TYR E 12 -16.96 -24.86 6.33
CA TYR E 12 -16.96 -23.41 6.15
C TYR E 12 -15.84 -22.91 5.26
N GLN E 13 -14.91 -23.77 4.84
CA GLN E 13 -13.94 -23.37 3.82
C GLN E 13 -14.43 -23.64 2.41
N LYS E 14 -15.29 -24.64 2.21
CA LYS E 14 -15.89 -24.95 0.93
C LYS E 14 -16.98 -23.96 0.53
N SER E 15 -17.65 -23.35 1.50
CA SER E 15 -18.76 -22.45 1.26
C SER E 15 -18.25 -21.02 1.15
N THR E 16 -19.09 -20.16 0.56
CA THR E 16 -18.76 -18.75 0.37
C THR E 16 -19.76 -17.81 1.02
N GLU E 17 -20.74 -18.33 1.77
CA GLU E 17 -21.81 -17.51 2.33
C GLU E 17 -21.28 -16.51 3.36
N LEU E 18 -22.16 -15.66 3.87
CA LEU E 18 -21.80 -14.68 4.88
C LEU E 18 -22.18 -15.25 6.23
N LEU E 19 -21.17 -15.40 7.10
CA LEU E 19 -21.33 -16.09 8.38
C LEU E 19 -21.76 -15.17 9.50
N ILE E 20 -22.04 -13.90 9.24
CA ILE E 20 -22.60 -12.99 10.23
C ILE E 20 -24.00 -12.61 9.77
N ARG E 21 -24.96 -12.67 10.69
CA ARG E 21 -26.35 -12.39 10.33
C ARG E 21 -26.50 -10.97 9.81
N LYS E 22 -27.19 -10.83 8.68
CA LYS E 22 -27.27 -9.56 7.98
C LYS E 22 -27.94 -8.50 8.82
N LEU E 23 -29.02 -8.85 9.54
CA LEU E 23 -29.72 -7.82 10.30
C LEU E 23 -28.88 -7.25 11.45
N PRO E 24 -28.30 -8.06 12.34
CA PRO E 24 -27.42 -7.47 13.35
C PRO E 24 -26.17 -6.80 12.78
N PHE E 25 -25.62 -7.30 11.68
CA PHE E 25 -24.51 -6.54 11.12
C PHE E 25 -24.94 -5.18 10.60
N GLN E 26 -26.08 -5.11 9.92
CA GLN E 26 -26.57 -3.83 9.45
C GLN E 26 -26.90 -2.89 10.59
N ARG E 27 -27.41 -3.43 11.70
CA ARG E 27 -27.58 -2.61 12.89
C ARG E 27 -26.26 -2.07 13.40
N LEU E 28 -25.21 -2.88 13.40
CA LEU E 28 -23.90 -2.40 13.84
C LEU E 28 -23.38 -1.30 12.92
N VAL E 29 -23.53 -1.51 11.61
CA VAL E 29 -23.11 -0.50 10.64
C VAL E 29 -23.83 0.82 10.89
N ARG E 30 -25.15 0.75 11.05
CA ARG E 30 -25.96 1.94 11.27
C ARG E 30 -25.65 2.61 12.59
N GLU E 31 -25.30 1.85 13.62
CA GLU E 31 -24.98 2.40 14.93
C GLU E 31 -23.59 3.02 14.97
N ILE E 32 -22.66 2.54 14.15
CA ILE E 32 -21.34 3.16 14.03
C ILE E 32 -21.38 4.43 13.20
N ALA E 33 -22.07 4.40 12.05
CA ALA E 33 -22.09 5.54 11.15
C ALA E 33 -22.73 6.77 11.78
N GLN E 34 -23.55 6.57 12.80
CA GLN E 34 -24.26 7.68 13.43
C GLN E 34 -23.29 8.67 14.06
N ASP E 35 -22.25 8.17 14.72
CA ASP E 35 -21.27 9.05 15.35
C ASP E 35 -20.55 9.93 14.36
N PHE E 36 -20.58 9.59 13.07
CA PHE E 36 -19.96 10.41 12.03
C PHE E 36 -20.96 11.35 11.38
N LYS E 37 -22.19 10.89 11.12
CA LYS E 37 -23.22 11.78 10.62
C LYS E 37 -24.60 11.25 11.00
N THR E 38 -25.39 12.09 11.67
CA THR E 38 -26.74 11.72 12.04
C THR E 38 -27.65 11.73 10.81
N ASP E 39 -28.74 10.97 10.91
CA ASP E 39 -29.74 10.88 9.84
C ASP E 39 -29.11 10.42 8.53
N LEU E 40 -28.14 9.53 8.64
CA LEU E 40 -27.48 8.95 7.48
C LEU E 40 -28.29 7.78 6.96
N ARG E 41 -28.30 7.62 5.64
CA ARG E 41 -28.96 6.51 4.98
C ARG E 41 -27.93 5.65 4.28
N PHE E 42 -28.26 4.38 4.13
CA PHE E 42 -27.41 3.41 3.49
C PHE E 42 -28.18 2.75 2.36
N GLN E 43 -27.47 2.26 1.36
CA GLN E 43 -28.12 1.41 0.38
C GLN E 43 -28.10 0.00 0.92
N SER E 44 -28.71 -0.95 0.22
CA SER E 44 -28.47 -2.35 0.50
C SER E 44 -27.07 -2.78 0.12
N SER E 45 -26.54 -2.29 -1.00
CA SER E 45 -25.19 -2.63 -1.43
C SER E 45 -24.11 -1.96 -0.59
N ALA E 46 -24.39 -0.84 0.07
CA ALA E 46 -23.42 -0.29 1.00
C ALA E 46 -23.21 -1.22 2.20
N VAL E 47 -24.29 -1.73 2.77
CA VAL E 47 -24.17 -2.68 3.86
C VAL E 47 -23.55 -3.97 3.37
N MET E 48 -23.98 -4.46 2.21
CA MET E 48 -23.45 -5.70 1.69
C MET E 48 -22.01 -5.60 1.22
N ALA E 49 -21.50 -4.39 1.01
CA ALA E 49 -20.09 -4.16 0.75
C ALA E 49 -19.27 -3.98 2.01
N LEU E 50 -19.83 -3.34 3.03
CA LEU E 50 -19.14 -3.31 4.31
C LEU E 50 -18.99 -4.71 4.90
N GLN E 51 -20.04 -5.52 4.82
CA GLN E 51 -19.98 -6.85 5.42
C GLN E 51 -19.06 -7.79 4.65
N GLU E 52 -19.11 -7.72 3.35
CA GLU E 52 -18.35 -8.64 2.53
C GLU E 52 -16.84 -8.43 2.66
N ALA E 53 -16.46 -7.24 3.12
CA ALA E 53 -15.08 -6.91 3.41
C ALA E 53 -14.72 -7.14 4.87
N SER E 54 -15.63 -6.86 5.79
CA SER E 54 -15.43 -7.16 7.20
C SER E 54 -15.35 -8.64 7.48
N GLU E 55 -15.88 -9.47 6.58
CA GLU E 55 -15.85 -10.92 6.74
C GLU E 55 -14.71 -11.55 5.95
N ALA E 56 -13.93 -10.73 5.26
CA ALA E 56 -12.65 -11.18 4.73
C ALA E 56 -11.48 -10.70 5.56
N TYR E 57 -11.55 -9.50 6.11
CA TYR E 57 -10.56 -9.02 7.07
C TYR E 57 -10.45 -9.97 8.26
N LEU E 58 -11.58 -10.38 8.84
CA LEU E 58 -11.57 -11.26 9.99
C LEU E 58 -11.06 -12.65 9.65
N VAL E 59 -11.43 -13.19 8.50
CA VAL E 59 -10.92 -14.49 8.10
C VAL E 59 -9.40 -14.44 7.92
N GLY E 60 -8.88 -13.39 7.28
CA GLY E 60 -7.44 -13.28 7.16
C GLY E 60 -6.74 -13.13 8.49
N LEU E 61 -7.31 -12.30 9.37
CA LEU E 61 -6.78 -12.16 10.72
C LEU E 61 -6.76 -13.50 11.45
N PHE E 62 -7.76 -14.35 11.23
CA PHE E 62 -7.77 -15.65 11.87
C PHE E 62 -6.75 -16.60 11.26
N GLU E 63 -6.54 -16.55 9.94
CA GLU E 63 -5.47 -17.36 9.35
C GLU E 63 -4.08 -16.91 9.77
N ASP E 64 -3.91 -15.67 10.22
CA ASP E 64 -2.63 -15.26 10.80
C ASP E 64 -2.51 -15.57 12.29
N THR E 65 -3.61 -15.43 13.03
CA THR E 65 -3.66 -15.82 14.43
C THR E 65 -3.37 -17.30 14.60
N ASN E 66 -3.89 -18.14 13.73
CA ASN E 66 -3.61 -19.56 13.78
C ASN E 66 -2.13 -19.83 13.56
N LEU E 67 -1.50 -19.10 12.64
CA LEU E 67 -0.07 -19.23 12.41
C LEU E 67 0.75 -18.85 13.63
N CYS E 68 0.39 -17.77 14.31
CA CYS E 68 1.05 -17.46 15.57
C CYS E 68 0.86 -18.56 16.61
N ALA E 69 -0.34 -19.14 16.69
CA ALA E 69 -0.59 -20.22 17.63
C ALA E 69 0.29 -21.42 17.34
N ILE E 70 0.40 -21.81 16.07
CA ILE E 70 1.26 -22.93 15.69
C ILE E 70 2.72 -22.60 15.96
N HIS E 71 3.12 -21.35 15.77
CA HIS E 71 4.46 -20.92 16.13
C HIS E 71 4.74 -21.17 17.60
N ALA E 72 3.79 -20.82 18.46
CA ALA E 72 3.98 -21.03 19.88
C ALA E 72 3.72 -22.47 20.32
N LYS E 73 3.68 -23.41 19.38
CA LYS E 73 3.43 -24.82 19.67
C LYS E 73 2.12 -25.00 20.44
N ARG E 74 1.03 -24.60 19.79
CA ARG E 74 -0.29 -24.59 20.40
C ARG E 74 -1.32 -24.83 19.33
N VAL E 75 -2.52 -25.23 19.75
CA VAL E 75 -3.67 -25.32 18.86
C VAL E 75 -4.79 -24.38 19.26
N THR E 76 -4.89 -24.00 20.52
CA THR E 76 -5.91 -23.05 20.98
C THR E 76 -5.40 -21.64 20.72
N ILE E 77 -6.07 -20.93 19.82
CA ILE E 77 -5.72 -19.54 19.58
C ILE E 77 -6.15 -18.71 20.78
N MET E 78 -5.37 -17.68 21.07
CA MET E 78 -5.56 -16.82 22.23
C MET E 78 -5.51 -15.38 21.78
N PRO E 79 -5.99 -14.45 22.62
CA PRO E 79 -5.93 -13.04 22.23
C PRO E 79 -4.53 -12.54 21.91
N LYS E 80 -3.50 -13.07 22.58
CA LYS E 80 -2.13 -12.66 22.28
C LYS E 80 -1.68 -13.06 20.89
N ASP E 81 -2.21 -14.13 20.33
CA ASP E 81 -1.95 -14.44 18.94
C ASP E 81 -2.53 -13.43 17.97
N ILE E 82 -3.77 -12.98 18.19
CA ILE E 82 -4.36 -11.87 17.44
C ILE E 82 -3.52 -10.62 17.58
N GLN E 83 -3.10 -10.31 18.80
CA GLN E 83 -2.28 -9.13 19.03
C GLN E 83 -0.97 -9.21 18.27
N LEU E 84 -0.30 -10.37 18.28
CA LEU E 84 0.94 -10.52 17.53
C LEU E 84 0.69 -10.37 16.03
N ALA E 85 -0.36 -11.00 15.53
CA ALA E 85 -0.65 -10.91 14.10
C ALA E 85 -0.89 -9.47 13.67
N ARG E 86 -1.69 -8.73 14.44
CA ARG E 86 -1.96 -7.33 14.15
C ARG E 86 -0.71 -6.46 14.26
N ARG E 87 0.10 -6.66 15.29
CA ARG E 87 1.34 -5.90 15.42
C ARG E 87 2.27 -6.13 14.24
N ILE E 88 2.39 -7.37 13.79
CA ILE E 88 3.33 -7.66 12.71
C ILE E 88 2.80 -7.27 11.34
N ARG E 89 1.49 -7.32 11.10
CA ARG E 89 0.97 -6.77 9.86
C ARG E 89 0.78 -5.26 9.93
N GLY E 90 1.04 -4.66 11.09
CA GLY E 90 1.10 -3.23 11.22
C GLY E 90 -0.21 -2.55 11.51
N GLU E 91 -1.28 -3.31 11.69
CA GLU E 91 -2.60 -2.73 11.89
C GLU E 91 -2.61 -1.84 13.12
N ARG E 92 -2.06 -2.32 14.23
CA ARG E 92 -1.93 -1.48 15.43
C ARG E 92 -0.81 -2.09 16.29
N ALA E 93 0.33 -1.42 16.32
CA ALA E 93 1.48 -1.88 17.09
C ALA E 93 1.18 -1.87 18.58
N ASP F 1 -23.86 -2.02 21.65
CA ASP F 1 -25.01 -2.87 21.92
C ASP F 1 -25.25 -3.82 20.75
N ASN F 2 -25.06 -3.31 19.54
CA ASN F 2 -25.19 -4.12 18.33
C ASN F 2 -23.94 -4.92 18.03
N ILE F 3 -22.87 -4.73 18.81
CA ILE F 3 -21.65 -5.50 18.59
C ILE F 3 -21.84 -6.94 19.04
N GLN F 4 -22.85 -7.20 19.89
CA GLN F 4 -23.11 -8.56 20.35
C GLN F 4 -24.06 -9.27 19.42
N GLY F 5 -24.41 -8.63 18.30
CA GLY F 5 -25.13 -9.31 17.24
C GLY F 5 -24.15 -10.14 16.45
N ILE F 6 -22.87 -9.86 16.66
CA ILE F 6 -21.79 -10.72 16.17
C ILE F 6 -21.63 -11.77 17.25
N THR F 7 -22.45 -12.80 17.17
CA THR F 7 -22.57 -13.78 18.24
C THR F 7 -21.36 -14.70 18.25
N LYS F 8 -21.22 -15.43 19.36
CA LYS F 8 -20.17 -16.43 19.49
C LYS F 8 -20.19 -17.46 18.37
N PRO F 9 -21.34 -18.02 17.95
CA PRO F 9 -21.34 -18.87 16.74
C PRO F 9 -20.80 -18.17 15.51
N ALA F 10 -21.09 -16.88 15.32
CA ALA F 10 -20.63 -16.20 14.12
C ALA F 10 -19.10 -16.05 14.11
N ILE F 11 -18.51 -15.64 15.22
CA ILE F 11 -17.05 -15.54 15.28
C ILE F 11 -16.41 -16.90 15.15
N ARG F 12 -17.01 -17.93 15.76
CA ARG F 12 -16.46 -19.27 15.64
C ARG F 12 -16.54 -19.78 14.22
N ARG F 13 -17.61 -19.46 13.50
CA ARG F 13 -17.73 -19.80 12.09
C ARG F 13 -16.68 -19.09 11.25
N LEU F 14 -16.44 -17.81 11.52
CA LEU F 14 -15.37 -17.08 10.85
C LEU F 14 -14.00 -17.69 11.13
N ALA F 15 -13.75 -18.08 12.38
CA ALA F 15 -12.49 -18.73 12.74
C ALA F 15 -12.33 -20.08 12.06
N ARG F 16 -13.40 -20.88 12.01
CA ARG F 16 -13.34 -22.13 11.25
C ARG F 16 -13.06 -21.89 9.79
N ARG F 17 -13.59 -20.81 9.21
CA ARG F 17 -13.17 -20.47 7.85
C ARG F 17 -11.69 -20.13 7.80
N GLY F 18 -11.19 -19.46 8.82
CA GLY F 18 -9.77 -19.15 8.90
C GLY F 18 -8.91 -20.33 9.32
N GLY F 19 -9.52 -21.49 9.49
CA GLY F 19 -8.78 -22.70 9.81
C GLY F 19 -8.46 -22.91 11.27
N VAL F 20 -9.02 -22.09 12.16
CA VAL F 20 -8.75 -22.23 13.58
C VAL F 20 -9.48 -23.45 14.12
N LYS F 21 -8.73 -24.37 14.74
CA LYS F 21 -9.31 -25.58 15.28
C LYS F 21 -9.92 -25.38 16.66
N ARG F 22 -9.13 -24.88 17.60
CA ARG F 22 -9.61 -24.62 18.94
C ARG F 22 -9.57 -23.13 19.21
N ILE F 23 -10.57 -22.65 19.94
CA ILE F 23 -10.76 -21.23 20.19
C ILE F 23 -10.84 -21.01 21.69
N SER F 24 -9.96 -20.16 22.22
CA SER F 24 -10.09 -19.80 23.61
C SER F 24 -11.32 -18.92 23.81
N GLY F 25 -11.82 -18.90 25.02
CA GLY F 25 -13.04 -18.20 25.34
C GLY F 25 -12.93 -16.69 25.36
N LEU F 26 -11.72 -16.14 25.28
CA LEU F 26 -11.52 -14.71 25.23
C LEU F 26 -11.34 -14.19 23.82
N ILE F 27 -11.27 -15.07 22.82
CA ILE F 27 -11.10 -14.65 21.45
C ILE F 27 -12.29 -13.86 20.94
N TYR F 28 -13.47 -14.11 21.51
CA TYR F 28 -14.70 -13.53 20.97
C TYR F 28 -14.75 -12.02 21.18
N GLU F 29 -14.47 -11.56 22.40
CA GLU F 29 -14.46 -10.13 22.64
C GLU F 29 -13.32 -9.44 21.91
N GLU F 30 -12.17 -10.09 21.78
CA GLU F 30 -11.06 -9.55 21.00
C GLU F 30 -11.47 -9.35 19.54
N THR F 31 -12.11 -10.35 18.94
CA THR F 31 -12.59 -10.21 17.57
C THR F 31 -13.67 -9.15 17.43
N ARG F 32 -14.53 -9.01 18.44
CA ARG F 32 -15.53 -7.94 18.40
C ARG F 32 -14.88 -6.57 18.42
N GLY F 33 -13.89 -6.36 19.28
CA GLY F 33 -13.18 -5.10 19.30
C GLY F 33 -12.47 -4.82 17.99
N VAL F 34 -11.87 -5.87 17.42
CA VAL F 34 -11.16 -5.73 16.14
C VAL F 34 -12.13 -5.33 15.03
N LEU F 35 -13.27 -6.01 14.94
CA LEU F 35 -14.26 -5.69 13.93
C LEU F 35 -14.77 -4.26 14.10
N LYS F 36 -15.00 -3.85 15.34
CA LYS F 36 -15.44 -2.49 15.57
C LYS F 36 -14.43 -1.48 15.08
N VAL F 37 -13.14 -1.71 15.34
CA VAL F 37 -12.12 -0.78 14.87
C VAL F 37 -12.08 -0.73 13.34
N PHE F 38 -12.13 -1.90 12.69
CA PHE F 38 -12.14 -1.94 11.23
C PHE F 38 -13.32 -1.17 10.65
N LEU F 39 -14.51 -1.42 11.21
CA LEU F 39 -15.71 -0.76 10.71
C LEU F 39 -15.66 0.74 10.94
N GLU F 40 -15.22 1.16 12.13
CA GLU F 40 -15.08 2.57 12.42
C GLU F 40 -14.14 3.24 11.45
N ASN F 41 -13.06 2.58 11.09
CA ASN F 41 -12.11 3.20 10.17
C ASN F 41 -12.65 3.31 8.75
N VAL F 42 -13.35 2.28 8.25
CA VAL F 42 -13.85 2.36 6.87
C VAL F 42 -15.04 3.30 6.75
N ILE F 43 -15.97 3.24 7.71
CA ILE F 43 -17.19 4.03 7.62
C ILE F 43 -16.88 5.52 7.69
N ARG F 44 -15.85 5.90 8.45
CA ARG F 44 -15.46 7.30 8.51
C ARG F 44 -15.13 7.84 7.13
N ASP F 45 -14.31 7.12 6.37
CA ASP F 45 -13.95 7.53 5.02
C ASP F 45 -15.15 7.51 4.09
N ALA F 46 -16.01 6.49 4.21
CA ALA F 46 -17.19 6.42 3.34
C ALA F 46 -18.10 7.62 3.56
N VAL F 47 -18.36 7.98 4.81
CA VAL F 47 -19.21 9.12 5.09
C VAL F 47 -18.53 10.42 4.70
N THR F 48 -17.21 10.52 4.80
CA THR F 48 -16.53 11.72 4.32
C THR F 48 -16.72 11.89 2.82
N TYR F 49 -16.59 10.81 2.06
CA TYR F 49 -16.87 10.88 0.63
C TYR F 49 -18.31 11.28 0.36
N THR F 50 -19.26 10.70 1.10
CA THR F 50 -20.66 11.04 0.93
C THR F 50 -20.91 12.51 1.19
N GLU F 51 -20.34 13.03 2.27
CA GLU F 51 -20.49 14.45 2.58
C GLU F 51 -19.89 15.32 1.48
N HIS F 52 -18.76 14.91 0.91
CA HIS F 52 -18.20 15.69 -0.19
C HIS F 52 -19.15 15.72 -1.38
N ALA F 53 -19.75 14.59 -1.72
CA ALA F 53 -20.67 14.57 -2.87
C ALA F 53 -22.02 15.16 -2.49
N LYS F 54 -22.12 15.70 -1.28
CA LYS F 54 -23.29 16.40 -0.76
C LYS F 54 -24.53 15.51 -0.68
N ARG F 55 -24.36 14.20 -0.77
CA ARG F 55 -25.47 13.28 -0.68
C ARG F 55 -25.84 13.00 0.77
N LYS F 56 -26.97 12.33 0.94
CA LYS F 56 -27.41 11.86 2.25
C LYS F 56 -27.32 10.35 2.40
N THR F 57 -27.22 9.60 1.31
CA THR F 57 -27.17 8.15 1.35
C THR F 57 -25.76 7.67 1.05
N VAL F 58 -25.31 6.65 1.78
CA VAL F 58 -23.99 6.07 1.56
C VAL F 58 -24.11 5.03 0.46
N THR F 59 -23.58 5.35 -0.71
CA THR F 59 -23.64 4.47 -1.87
C THR F 59 -22.61 3.36 -1.69
N ALA F 60 -22.79 2.25 -2.42
CA ALA F 60 -21.80 1.18 -2.38
C ALA F 60 -20.43 1.67 -2.82
N MET F 61 -20.37 2.47 -3.88
CA MET F 61 -19.08 2.98 -4.34
C MET F 61 -18.44 3.91 -3.33
N ASP F 62 -19.24 4.62 -2.53
CA ASP F 62 -18.71 5.43 -1.45
C ASP F 62 -17.99 4.60 -0.40
N VAL F 63 -18.28 3.30 -0.33
CA VAL F 63 -17.57 2.38 0.53
C VAL F 63 -16.41 1.72 -0.20
N VAL F 64 -16.58 1.42 -1.48
CA VAL F 64 -15.50 0.86 -2.29
C VAL F 64 -14.33 1.84 -2.31
N TYR F 65 -14.61 3.14 -2.38
CA TYR F 65 -13.58 4.15 -2.35
C TYR F 65 -12.88 4.24 -1.01
N ALA F 66 -13.64 4.18 0.09
CA ALA F 66 -13.06 4.10 1.42
C ALA F 66 -12.25 2.83 1.64
N LEU F 67 -12.53 1.78 0.88
CA LEU F 67 -11.80 0.53 0.98
C LEU F 67 -10.57 0.46 0.09
N LYS F 68 -10.63 1.01 -1.11
CA LYS F 68 -9.42 1.12 -1.92
C LYS F 68 -8.50 2.22 -1.43
N ARG F 69 -9.02 3.15 -0.63
CA ARG F 69 -8.20 4.13 0.07
C ARG F 69 -7.36 3.48 1.17
N GLN F 70 -7.74 2.29 1.62
CA GLN F 70 -6.98 1.61 2.67
C GLN F 70 -6.18 0.43 2.15
N GLY F 71 -5.99 0.32 0.83
CA GLY F 71 -5.27 -0.83 0.29
C GLY F 71 -6.04 -2.12 0.38
N ARG F 72 -7.37 -2.05 0.33
CA ARG F 72 -8.24 -3.22 0.46
C ARG F 72 -9.30 -3.19 -0.64
N THR F 73 -8.85 -3.03 -1.88
CA THR F 73 -9.77 -2.89 -3.01
C THR F 73 -10.75 -4.05 -3.05
N LEU F 74 -12.03 -3.74 -3.22
CA LEU F 74 -13.10 -4.71 -3.15
C LEU F 74 -13.72 -4.87 -4.54
N TYR F 75 -13.72 -6.10 -5.05
CA TYR F 75 -14.24 -6.42 -6.37
C TYR F 75 -15.65 -6.95 -6.21
N GLY F 76 -16.59 -6.41 -6.98
CA GLY F 76 -17.92 -6.99 -7.01
C GLY F 76 -19.05 -6.01 -6.81
N PHE F 77 -18.72 -4.78 -6.43
CA PHE F 77 -19.75 -3.80 -6.13
C PHE F 77 -19.66 -2.61 -7.07
N GLY F 78 -19.37 -2.87 -8.33
CA GLY F 78 -19.27 -1.82 -9.33
C GLY F 78 -18.05 -0.93 -9.13
N SER G 4 1.00 34.74 -1.36
CA SER G 4 1.48 34.39 -0.03
C SER G 4 1.33 35.58 0.92
N SER G 5 1.67 36.77 0.43
CA SER G 5 1.55 37.99 1.21
C SER G 5 0.10 38.30 1.57
N ARG G 6 -0.82 38.04 0.63
CA ARG G 6 -2.24 38.32 0.91
C ARG G 6 -2.82 37.30 1.89
N ALA G 7 -2.37 36.06 1.85
CA ALA G 7 -2.91 34.99 2.67
C ALA G 7 -2.12 34.75 3.95
N GLY G 8 -1.02 35.48 4.17
CA GLY G 8 -0.20 35.25 5.34
C GLY G 8 0.44 33.88 5.36
N LEU G 9 1.14 33.54 4.29
CA LEU G 9 1.68 32.19 4.12
C LEU G 9 3.17 32.31 3.83
N GLN G 10 4.00 31.58 4.57
CA GLN G 10 5.43 31.56 4.30
C GLN G 10 5.77 30.54 3.24
N PHE G 11 4.77 29.80 2.76
CA PHE G 11 4.95 28.89 1.66
C PHE G 11 4.40 29.51 0.39
N PRO G 12 5.01 29.22 -0.76
CA PRO G 12 4.72 30.03 -1.95
C PRO G 12 3.41 29.68 -2.62
N VAL G 13 2.41 30.55 -2.49
CA VAL G 13 1.11 30.27 -3.10
C VAL G 13 1.23 30.24 -4.62
N GLY G 14 2.02 31.15 -5.19
CA GLY G 14 2.23 31.11 -6.63
C GLY G 14 2.90 29.83 -7.09
N ARG G 15 3.91 29.38 -6.34
CA ARG G 15 4.61 28.15 -6.73
C ARG G 15 3.70 26.94 -6.61
N VAL G 16 2.88 26.88 -5.56
CA VAL G 16 2.00 25.72 -5.42
C VAL G 16 0.91 25.75 -6.48
N HIS G 17 0.45 26.95 -6.86
CA HIS G 17 -0.45 27.07 -8.02
C HIS G 17 0.21 26.54 -9.29
N ARG G 18 1.45 26.91 -9.53
CA ARG G 18 2.16 26.43 -10.72
C ARG G 18 2.31 24.92 -10.69
N LEU G 19 2.64 24.37 -9.52
CA LEU G 19 2.76 22.92 -9.35
C LEU G 19 1.44 22.22 -9.60
N LEU G 20 0.34 22.78 -9.11
CA LEU G 20 -0.96 22.17 -9.33
C LEU G 20 -1.34 22.18 -10.80
N ARG G 21 -1.16 23.32 -11.47
CA ARG G 21 -1.54 23.38 -12.88
C ARG G 21 -0.65 22.48 -13.72
N LYS G 22 0.64 22.44 -13.44
CA LYS G 22 1.56 21.61 -14.20
C LYS G 22 1.52 20.15 -13.78
N GLY G 23 0.94 19.84 -12.62
CA GLY G 23 0.93 18.47 -12.14
C GLY G 23 -0.19 17.63 -12.70
N ASN G 24 -1.07 18.24 -13.51
CA ASN G 24 -2.18 17.54 -14.15
C ASN G 24 -3.09 16.86 -13.14
N TYR G 25 -3.44 17.55 -12.07
CA TYR G 25 -4.41 17.04 -11.10
C TYR G 25 -5.83 17.21 -11.61
N ALA G 26 -6.18 18.41 -12.07
CA ALA G 26 -7.40 18.63 -12.83
C ALA G 26 -7.09 19.63 -13.93
N GLU G 27 -8.03 19.84 -14.85
CA GLU G 27 -7.83 20.79 -15.94
C GLU G 27 -8.08 22.22 -15.48
N ARG G 28 -8.39 22.44 -14.22
CA ARG G 28 -8.74 23.76 -13.72
C ARG G 28 -8.48 23.79 -12.22
N VAL G 29 -7.67 24.74 -11.77
CA VAL G 29 -7.36 24.88 -10.35
C VAL G 29 -7.97 26.19 -9.88
N GLY G 30 -8.81 26.12 -8.85
CA GLY G 30 -9.45 27.31 -8.33
C GLY G 30 -8.50 28.27 -7.64
N ALA G 31 -9.02 29.40 -7.17
CA ALA G 31 -8.20 30.42 -6.53
C ALA G 31 -8.10 30.24 -5.02
N GLY G 32 -8.69 29.18 -4.48
CA GLY G 32 -8.58 28.90 -3.06
C GLY G 32 -7.84 27.60 -2.82
N ALA G 33 -7.72 26.80 -3.88
CA ALA G 33 -7.00 25.52 -3.80
C ALA G 33 -5.56 25.70 -3.37
N PRO G 34 -4.75 26.55 -4.02
CA PRO G 34 -3.34 26.65 -3.60
C PRO G 34 -3.15 27.47 -2.35
N VAL G 35 -4.13 28.30 -1.99
CA VAL G 35 -4.09 28.99 -0.71
C VAL G 35 -4.33 28.06 0.45
N TYR G 36 -5.26 27.11 0.31
CA TYR G 36 -5.45 26.04 1.28
C TYR G 36 -4.25 25.10 1.32
N MET G 37 -3.74 24.71 0.15
CA MET G 37 -2.65 23.75 0.09
C MET G 37 -1.31 24.48 0.05
N ALA G 38 -1.18 25.52 0.87
CA ALA G 38 0.11 26.12 1.18
C ALA G 38 0.03 26.62 2.60
N ALA G 39 -1.13 26.43 3.21
CA ALA G 39 -1.30 26.56 4.65
C ALA G 39 -1.33 25.21 5.32
N VAL G 40 -1.85 24.19 4.67
CA VAL G 40 -1.79 22.82 5.17
C VAL G 40 -0.36 22.30 5.18
N LEU G 41 0.38 22.43 4.07
CA LEU G 41 1.79 22.01 4.06
C LEU G 41 2.63 22.85 5.00
N GLU G 42 2.41 24.16 5.04
CA GLU G 42 3.12 25.01 5.98
C GLU G 42 2.86 24.60 7.43
N TYR G 43 1.61 24.31 7.78
CA TYR G 43 1.28 23.88 9.14
C TYR G 43 1.90 22.53 9.46
N LEU G 44 1.87 21.58 8.52
CA LEU G 44 2.44 20.27 8.78
C LEU G 44 3.95 20.38 8.99
N THR G 45 4.61 21.19 8.17
CA THR G 45 6.04 21.43 8.33
C THR G 45 6.34 22.07 9.68
N ALA G 46 5.54 23.06 10.08
CA ALA G 46 5.71 23.65 11.39
C ALA G 46 5.53 22.64 12.51
N GLU G 47 4.54 21.75 12.38
CA GLU G 47 4.28 20.69 13.35
C GLU G 47 5.45 19.73 13.47
N ILE G 48 6.05 19.33 12.35
CA ILE G 48 7.11 18.34 12.37
C ILE G 48 8.44 18.98 12.74
N LEU G 49 8.55 20.30 12.58
CA LEU G 49 9.72 21.01 13.06
C LEU G 49 9.67 21.32 14.54
N GLU G 50 8.50 21.61 15.11
CA GLU G 50 8.40 21.81 16.55
C GLU G 50 8.98 20.64 17.33
N LEU G 51 8.55 19.44 17.02
CA LEU G 51 8.99 18.27 17.76
C LEU G 51 10.43 17.89 17.44
N ALA G 52 10.86 18.02 16.18
CA ALA G 52 12.25 17.75 15.82
C ALA G 52 13.21 18.80 16.36
N GLY G 53 12.72 19.95 16.80
CA GLY G 53 13.58 20.90 17.45
C GLY G 53 13.57 20.70 18.95
N ASN G 54 12.43 20.26 19.47
CA ASN G 54 12.37 19.88 20.88
C ASN G 54 13.30 18.71 21.16
N ALA G 55 13.34 17.73 20.26
CA ALA G 55 14.29 16.62 20.39
C ALA G 55 15.72 17.12 20.34
N ALA G 56 16.00 18.10 19.47
CA ALA G 56 17.35 18.68 19.41
C ALA G 56 17.70 19.35 20.73
N ARG G 57 16.75 20.06 21.33
CA ARG G 57 16.98 20.60 22.66
C ARG G 57 17.19 19.49 23.68
N ASP G 58 16.63 18.30 23.41
CA ASP G 58 16.80 17.17 24.31
C ASP G 58 18.14 16.46 24.15
N ASN G 59 18.87 16.73 23.07
CA ASN G 59 20.20 16.15 22.83
C ASN G 59 21.28 17.21 22.95
N LYS G 60 20.96 18.34 23.57
CA LYS G 60 21.89 19.42 23.84
C LYS G 60 22.62 19.86 22.57
N LYS G 61 21.83 20.12 21.53
CA LYS G 61 22.36 20.51 20.24
C LYS G 61 21.58 21.70 19.70
N THR G 62 22.28 22.61 19.03
CA THR G 62 21.67 23.75 18.37
C THR G 62 21.28 23.45 16.93
N ARG G 63 21.46 22.21 16.48
CA ARG G 63 21.23 21.82 15.11
C ARG G 63 20.19 20.71 15.05
N ILE G 64 19.46 20.66 13.94
CA ILE G 64 18.51 19.59 13.66
C ILE G 64 19.20 18.57 12.75
N ILE G 65 19.00 17.30 13.07
CA ILE G 65 19.61 16.21 12.31
C ILE G 65 18.52 15.17 12.02
N PRO G 66 18.74 14.31 11.03
CA PRO G 66 17.76 13.26 10.77
C PRO G 66 17.45 12.42 11.99
N ARG G 67 18.39 12.28 12.91
CA ARG G 67 18.10 11.59 14.16
C ARG G 67 16.98 12.31 14.91
N HIS G 68 17.07 13.63 15.03
CA HIS G 68 16.01 14.37 15.71
C HIS G 68 14.70 14.25 14.96
N LEU G 69 14.73 14.29 13.63
CA LEU G 69 13.49 14.19 12.88
C LEU G 69 12.81 12.84 13.07
N GLN G 70 13.57 11.74 12.96
CA GLN G 70 13.01 10.41 13.18
C GLN G 70 12.53 10.24 14.61
N LEU G 71 13.29 10.74 15.58
CA LEU G 71 12.90 10.63 16.97
C LEU G 71 11.57 11.31 17.21
N ALA G 72 11.43 12.55 16.74
CA ALA G 72 10.18 13.29 16.88
C ALA G 72 9.02 12.63 16.16
N ILE G 73 9.25 12.14 14.94
CA ILE G 73 8.17 11.53 14.16
C ILE G 73 7.68 10.25 14.83
N ARG G 74 8.60 9.40 15.28
CA ARG G 74 8.21 8.12 15.83
C ARG G 74 7.63 8.28 17.23
N ASN G 75 8.23 9.14 18.06
CA ASN G 75 7.75 9.31 19.42
C ASN G 75 6.52 10.22 19.43
N ASP G 76 5.52 9.87 18.65
CA ASP G 76 4.27 10.60 18.59
C ASP G 76 3.13 9.63 18.36
N GLU G 77 1.96 10.13 17.98
CA GLU G 77 0.84 9.25 17.70
C GLU G 77 0.33 9.45 16.28
N GLU G 78 0.15 10.72 15.88
CA GLU G 78 -0.46 11.00 14.59
C GLU G 78 0.58 11.17 13.50
N LEU G 79 1.71 11.83 13.80
CA LEU G 79 2.79 11.90 12.82
C LEU G 79 3.31 10.51 12.51
N ASN G 80 3.44 9.65 13.52
CA ASN G 80 3.89 8.29 13.28
C ASN G 80 2.89 7.52 12.41
N LYS G 81 1.59 7.72 12.64
CA LYS G 81 0.59 7.05 11.84
C LYS G 81 0.62 7.54 10.39
N LEU G 82 0.80 8.84 10.20
CA LEU G 82 0.86 9.40 8.85
C LEU G 82 2.11 8.93 8.13
N LEU G 83 3.28 9.08 8.76
CA LEU G 83 4.57 8.70 8.18
C LEU G 83 4.97 7.31 8.65
N GLY G 84 4.10 6.33 8.39
CA GLY G 84 4.31 4.98 8.84
C GLY G 84 5.07 4.11 7.88
N LYS G 85 5.10 4.48 6.60
CA LYS G 85 5.88 3.72 5.63
C LYS G 85 6.94 4.62 5.00
N VAL G 86 7.60 5.42 5.83
CA VAL G 86 8.61 6.38 5.39
C VAL G 86 9.93 6.02 6.05
N THR G 87 10.99 5.95 5.25
CA THR G 87 12.35 5.73 5.72
C THR G 87 13.04 7.09 5.80
N ILE G 88 13.44 7.50 6.99
CA ILE G 88 14.14 8.76 7.21
C ILE G 88 15.62 8.44 7.25
N ALA G 89 16.35 8.87 6.23
CA ALA G 89 17.76 8.52 6.06
C ALA G 89 18.57 8.99 7.25
N GLN G 90 19.50 8.13 7.69
CA GLN G 90 20.37 8.42 8.84
C GLN G 90 19.55 8.73 10.08
N GLY G 91 18.44 8.00 10.25
CA GLY G 91 17.56 8.25 11.36
C GLY G 91 17.72 7.28 12.50
N GLY G 92 18.19 6.06 12.21
CA GLY G 92 18.28 5.08 13.28
C GLY G 92 16.89 4.63 13.70
N VAL G 93 16.83 3.96 14.84
CA VAL G 93 15.57 3.49 15.38
C VAL G 93 15.46 3.92 16.83
N LEU G 94 14.23 3.97 17.34
CA LEU G 94 14.00 4.36 18.71
C LEU G 94 14.65 3.36 19.67
N PRO G 95 15.34 3.81 20.71
CA PRO G 95 15.83 2.88 21.72
C PRO G 95 14.68 2.22 22.46
N ASN G 96 14.52 0.92 22.24
CA ASN G 96 13.43 0.16 22.84
C ASN G 96 13.92 -1.16 23.40
N GLU H 1 11.90 19.77 -6.20
CA GLU H 1 11.35 21.07 -5.82
C GLU H 1 11.81 21.48 -4.44
N SER H 2 12.69 22.46 -4.39
CA SER H 2 13.27 22.88 -3.12
C SER H 2 12.33 23.83 -2.38
N TYR H 3 11.97 23.44 -1.16
CA TYR H 3 11.29 24.34 -0.24
C TYR H 3 12.25 24.83 0.84
N SER H 4 13.55 24.69 0.59
CA SER H 4 14.55 24.95 1.62
C SER H 4 14.48 26.39 2.09
N VAL H 5 14.18 27.33 1.20
CA VAL H 5 14.09 28.72 1.58
C VAL H 5 12.94 29.00 2.52
N TYR H 6 11.85 28.24 2.42
CA TYR H 6 10.65 28.47 3.22
C TYR H 6 10.63 27.65 4.50
N VAL H 7 11.16 26.43 4.47
CA VAL H 7 11.30 25.63 5.67
C VAL H 7 12.16 26.35 6.70
N TYR H 8 13.16 27.10 6.23
CA TYR H 8 14.03 27.85 7.12
C TYR H 8 13.34 29.07 7.72
N LYS H 9 12.40 29.68 7.00
CA LYS H 9 11.66 30.81 7.54
C LYS H 9 10.73 30.39 8.68
N VAL H 10 9.97 29.32 8.48
CA VAL H 10 8.99 28.91 9.47
C VAL H 10 9.68 28.45 10.75
N LEU H 11 10.90 27.93 10.63
CA LEU H 11 11.65 27.57 11.83
C LEU H 11 12.07 28.80 12.60
N LYS H 12 12.43 29.87 11.91
CA LYS H 12 12.84 31.10 12.57
C LYS H 12 11.71 31.74 13.36
N GLN H 13 10.46 31.35 13.13
CA GLN H 13 9.34 31.82 13.93
C GLN H 13 9.05 30.93 15.13
N VAL H 14 9.38 29.65 15.08
CA VAL H 14 9.08 28.76 16.19
C VAL H 14 10.30 28.51 17.06
N HIS H 15 11.43 28.18 16.45
CA HIS H 15 12.69 28.02 17.17
C HIS H 15 13.70 29.03 16.60
N PRO H 16 13.91 30.16 17.28
CA PRO H 16 14.78 31.21 16.75
C PRO H 16 16.26 30.97 17.05
N ASP H 17 16.62 29.74 17.37
CA ASP H 17 18.00 29.42 17.72
C ASP H 17 18.51 28.18 17.00
N THR H 18 17.60 27.26 16.66
CA THR H 18 17.97 25.96 16.12
C THR H 18 18.10 26.06 14.61
N GLY H 19 19.13 25.42 14.06
CA GLY H 19 19.29 25.33 12.63
C GLY H 19 18.99 23.94 12.12
N ILE H 20 18.98 23.82 10.80
CA ILE H 20 18.80 22.53 10.17
C ILE H 20 20.05 22.22 9.37
N SER H 21 20.58 21.01 9.57
CA SER H 21 21.71 20.55 8.78
C SER H 21 21.25 20.28 7.35
N SER H 22 22.22 20.32 6.43
CA SER H 22 21.91 20.09 5.02
C SER H 22 21.37 18.70 4.77
N LYS H 23 21.65 17.74 5.66
CA LYS H 23 21.08 16.42 5.53
C LYS H 23 19.63 16.39 5.99
N ALA H 24 19.30 17.19 7.02
CA ALA H 24 17.94 17.30 7.50
C ALA H 24 17.10 18.30 6.70
N MET H 25 17.73 19.15 5.89
CA MET H 25 16.97 19.94 4.93
C MET H 25 16.55 19.10 3.74
N GLY H 26 17.45 18.24 3.25
CA GLY H 26 17.11 17.36 2.17
C GLY H 26 16.05 16.33 2.52
N ILE H 27 15.76 16.18 3.81
CA ILE H 27 14.67 15.33 4.27
C ILE H 27 13.34 16.07 4.22
N MET H 28 13.31 17.31 4.72
CA MET H 28 12.11 18.11 4.66
C MET H 28 11.72 18.50 3.24
N ASN H 29 12.66 18.54 2.31
CA ASN H 29 12.26 18.66 0.92
C ASN H 29 11.49 17.43 0.47
N SER H 30 11.92 16.26 0.92
CA SER H 30 11.22 15.03 0.59
C SER H 30 9.89 14.92 1.31
N PHE H 31 9.74 15.59 2.45
CA PHE H 31 8.51 15.57 3.21
C PHE H 31 7.42 16.41 2.55
N VAL H 32 7.72 17.68 2.30
CA VAL H 32 6.77 18.61 1.69
C VAL H 32 6.44 18.19 0.26
N ASN H 33 7.42 17.69 -0.48
CA ASN H 33 7.18 17.16 -1.81
C ASN H 33 6.49 15.81 -1.77
N ASP H 34 6.13 15.33 -0.59
CA ASP H 34 5.44 14.06 -0.39
C ASP H 34 3.99 14.26 0.03
N ILE H 35 3.74 15.18 0.96
CA ILE H 35 2.38 15.48 1.39
C ILE H 35 1.72 16.40 0.38
N PHE H 36 2.51 17.09 -0.45
CA PHE H 36 1.94 17.73 -1.62
C PHE H 36 1.36 16.74 -2.62
N GLU H 37 2.09 15.71 -3.01
CA GLU H 37 1.50 14.71 -3.88
C GLU H 37 0.44 13.88 -3.18
N ARG H 38 0.53 13.72 -1.86
CA ARG H 38 -0.50 12.99 -1.14
C ARG H 38 -1.83 13.73 -1.16
N ILE H 39 -1.83 15.02 -0.81
CA ILE H 39 -3.07 15.78 -0.76
C ILE H 39 -3.67 15.94 -2.15
N ALA H 40 -2.84 16.34 -3.12
CA ALA H 40 -3.35 16.56 -4.47
C ALA H 40 -3.16 15.29 -5.28
N GLY H 41 -3.60 14.18 -4.70
CA GLY H 41 -3.80 12.96 -5.45
C GLY H 41 -5.12 12.39 -4.98
N GLU H 42 -5.55 12.87 -3.83
CA GLU H 42 -6.86 12.61 -3.25
C GLU H 42 -7.84 13.70 -3.66
N ALA H 43 -7.40 14.96 -3.61
CA ALA H 43 -8.17 16.04 -4.18
C ALA H 43 -8.25 15.97 -5.69
N SER H 44 -7.46 15.10 -6.32
CA SER H 44 -7.56 14.93 -7.76
C SER H 44 -8.63 13.90 -8.12
N ARG H 45 -8.58 12.72 -7.48
CA ARG H 45 -9.57 11.69 -7.79
C ARG H 45 -10.95 12.06 -7.27
N LEU H 46 -11.01 12.90 -6.23
CA LEU H 46 -12.30 13.35 -5.73
C LEU H 46 -13.07 14.11 -6.81
N ALA H 47 -12.37 14.93 -7.58
CA ALA H 47 -13.03 15.60 -8.70
C ALA H 47 -13.55 14.59 -9.70
N HIS H 48 -12.73 13.61 -10.06
CA HIS H 48 -13.17 12.61 -11.03
C HIS H 48 -14.30 11.75 -10.47
N TYR H 49 -14.34 11.57 -9.15
CA TYR H 49 -15.48 10.90 -8.54
C TYR H 49 -16.77 11.67 -8.77
N ASN H 50 -16.70 12.99 -8.71
CA ASN H 50 -17.85 13.84 -8.93
C ASN H 50 -18.02 14.24 -10.39
N LYS H 51 -17.25 13.64 -11.29
CA LYS H 51 -17.27 14.00 -12.72
C LYS H 51 -16.97 15.48 -12.90
N ARG H 52 -16.24 16.05 -11.96
CA ARG H 52 -15.97 17.49 -11.92
C ARG H 52 -14.64 17.75 -12.62
N SER H 53 -14.35 19.02 -12.91
CA SER H 53 -13.17 19.37 -13.69
C SER H 53 -12.31 20.41 -12.98
N THR H 54 -12.71 20.82 -11.79
CA THR H 54 -12.04 21.89 -11.06
C THR H 54 -11.65 21.40 -9.67
N ILE H 55 -10.40 21.65 -9.28
CA ILE H 55 -9.95 21.35 -7.93
C ILE H 55 -9.95 22.64 -7.12
N THR H 56 -10.76 22.69 -6.08
CA THR H 56 -10.88 23.89 -5.27
C THR H 56 -10.75 23.55 -3.80
N SER H 57 -10.99 24.55 -2.95
CA SER H 57 -10.88 24.41 -1.52
C SER H 57 -11.89 23.44 -0.92
N ARG H 58 -12.90 23.05 -1.68
CA ARG H 58 -13.78 21.97 -1.24
C ARG H 58 -13.12 20.61 -1.39
N GLU H 59 -12.32 20.42 -2.45
CA GLU H 59 -11.68 19.13 -2.65
C GLU H 59 -10.39 19.04 -1.85
N ILE H 60 -9.69 20.15 -1.66
CA ILE H 60 -8.51 20.15 -0.81
C ILE H 60 -8.89 19.83 0.63
N GLN H 61 -10.02 20.38 1.08
CA GLN H 61 -10.50 20.09 2.42
C GLN H 61 -10.81 18.60 2.57
N THR H 62 -11.47 18.01 1.58
CA THR H 62 -11.80 16.60 1.65
C THR H 62 -10.54 15.73 1.64
N ALA H 63 -9.59 16.06 0.78
CA ALA H 63 -8.36 15.26 0.72
C ALA H 63 -7.57 15.34 2.00
N VAL H 64 -7.55 16.52 2.64
CA VAL H 64 -6.79 16.69 3.87
C VAL H 64 -7.37 15.81 4.97
N ARG H 65 -8.68 15.84 5.14
CA ARG H 65 -9.28 15.05 6.22
C ARG H 65 -9.39 13.57 5.85
N LEU H 66 -9.13 13.22 4.60
CA LEU H 66 -9.12 11.83 4.16
C LEU H 66 -7.77 11.17 4.29
N LEU H 67 -6.72 11.94 4.53
CA LEU H 67 -5.36 11.40 4.66
C LEU H 67 -4.70 11.72 5.99
N LEU H 68 -5.17 12.71 6.72
CA LEU H 68 -4.48 13.11 7.93
C LEU H 68 -5.16 12.56 9.18
N PRO H 69 -4.39 12.16 10.18
CA PRO H 69 -4.96 11.44 11.32
C PRO H 69 -5.68 12.38 12.27
N GLY H 70 -6.90 12.01 12.64
CA GLY H 70 -7.51 12.54 13.84
C GLY H 70 -7.38 14.02 14.05
N GLU H 71 -6.62 14.41 15.06
CA GLU H 71 -6.45 15.81 15.41
C GLU H 71 -5.61 16.58 14.40
N LEU H 72 -4.80 15.90 13.57
CA LEU H 72 -4.07 16.60 12.51
C LEU H 72 -5.02 17.20 11.50
N ALA H 73 -5.93 16.39 10.96
CA ALA H 73 -6.88 16.88 9.97
C ALA H 73 -7.83 17.91 10.55
N LYS H 74 -8.09 17.86 11.85
CA LYS H 74 -8.90 18.85 12.52
C LYS H 74 -8.18 20.20 12.62
N HIS H 75 -6.87 20.20 12.48
CA HIS H 75 -6.02 21.39 12.49
C HIS H 75 -5.57 21.79 11.10
N ALA H 76 -5.23 20.84 10.24
CA ALA H 76 -4.83 21.18 8.88
C ALA H 76 -5.98 21.85 8.14
N VAL H 77 -7.18 21.33 8.29
CA VAL H 77 -8.37 21.95 7.71
C VAL H 77 -8.63 23.30 8.37
N SER H 78 -8.36 23.39 9.67
CA SER H 78 -8.59 24.64 10.38
C SER H 78 -7.74 25.78 9.84
N GLU H 79 -6.46 25.51 9.54
CA GLU H 79 -5.60 26.54 8.99
C GLU H 79 -6.02 26.98 7.60
N GLY H 80 -6.46 26.04 6.75
CA GLY H 80 -6.84 26.42 5.40
C GLY H 80 -8.07 27.31 5.33
N THR H 81 -9.10 27.00 6.09
CA THR H 81 -10.28 27.85 6.16
C THR H 81 -10.02 29.17 6.85
N LYS H 82 -8.87 29.29 7.50
CA LYS H 82 -8.37 30.58 7.94
C LYS H 82 -7.50 31.24 6.89
N ALA H 83 -7.17 30.54 5.80
CA ALA H 83 -6.33 31.10 4.76
C ALA H 83 -7.16 31.60 3.60
N VAL H 84 -7.95 30.70 3.00
CA VAL H 84 -8.76 31.02 1.83
C VAL H 84 -9.72 32.15 2.20
N THR H 85 -10.13 32.19 3.46
CA THR H 85 -10.97 33.29 3.93
C THR H 85 -10.27 34.63 3.78
N LYS H 86 -8.98 34.67 4.13
CA LYS H 86 -8.24 35.93 4.01
C LYS H 86 -7.84 36.21 2.57
N TYR H 87 -7.54 35.17 1.79
CA TYR H 87 -7.13 35.36 0.40
C TYR H 87 -8.23 36.01 -0.42
N THR H 88 -9.45 35.47 -0.34
CA THR H 88 -10.57 36.05 -1.08
C THR H 88 -10.90 37.44 -0.56
N SER H 89 -10.87 37.63 0.76
CA SER H 89 -11.16 38.93 1.35
C SER H 89 -10.01 39.90 1.08
#